data_5NN5
#
_entry.id   5NN5
#
_cell.length_a   97.486
_cell.length_b   102.972
_cell.length_c   129.028
_cell.angle_alpha   90.00
_cell.angle_beta   90.00
_cell.angle_gamma   90.00
#
_symmetry.space_group_name_H-M   'P 21 21 21'
#
loop_
_entity.id
_entity.type
_entity.pdbx_description
1 polymer 'Lysosomal alpha-glucosidase'
2 branched 2-acetamido-2-deoxy-beta-D-glucopyranose-(1-4)-[alpha-L-fucopyranose-(1-6)]2-acetamido-2-deoxy-beta-D-glucopyranose
3 branched beta-D-mannopyranose-(1-4)-2-acetamido-2-deoxy-beta-D-glucopyranose-(1-4)-2-acetamido-2-deoxy-beta-D-glucopyranose
4 branched 2-acetamido-2-deoxy-beta-D-glucopyranose-(1-4)-2-acetamido-2-deoxy-beta-D-glucopyranose
5 branched alpha-D-mannopyranose-(1-3)-beta-D-mannopyranose-(1-4)-2-acetamido-2-deoxy-beta-D-glucopyranose-(1-4)-2-acetamido-2-deoxy-beta-D-glucopyranose
6 non-polymer 1-DEOXYNOJIRIMYCIN
7 non-polymer 'SULFATE ION'
8 non-polymer 'CHLORIDE ION'
9 non-polymer 1,2-ETHANEDIOL
10 water water
#
_entity_poly.entity_id   1
_entity_poly.type   'polypeptide(L)'
_entity_poly.pdbx_seq_one_letter_code
;QCDVPPNSRFDCAPDKAITQEQCEARGCCYIPAKQGLQGAQMGQPWCFFPPSYPSYKLENLSSSEMGYTATLTRTTPTFF
PKDILTLRLDVMMETENRLHFTIKDPANRRYEVPLETPRVHSRAPSPLYSVEFSEEPFGVIVHRQLDGRVLLNTTVAPLF
FADQFLQLSTSLPSQYITGLAEHLSPLMLSTSWTRITLWNRDLAPTPGANLYGSHPFYLALEDGGSAHGVFLLNSNAMDV
VLQPSPALSWRSTGGILDVYIFLGPEPKSVVQQYLDVVGYPFMPPYWGLGFHLCRWGYSSTAITRQVVENMTRAHFPLDV
QWNDLDYMDSRRDFTFNKDGFRDFPAMVQELHQGGRRYMMIVDPAISSSGPAGSYRPYDEGLRRGVFITNETGQPLIGKV
WPGSTAFPDFTNPTALAWWEDMVAEFHDQVPFDGMWIDMNEPSNFIRGSEDGCPNNELENPPYVPGVVGGTLQAATICAS
SHQFLSTHYNLHNLYGLTEAIASHRALVKARGTRPFVISRSTFAGHGRYAGHWTGDVWSSWEQLASSVPEILQFNLLGVP
LVGADVCGFLGNTSEELCVRWTQLGAFYPFMRNHNSLLSLPQEPYSFSEPAQQAMRKALTLRYALLPHLYTLFHQAHVAG
ETVARPLFLEFPKDSSTWTVDHQLLWGEALLITPVLQAGKAEVTGYFPLGTWYDLQTVPIEALGSLPPPPAAPREPAIHS
EGQWVTLPAPLDTINVHLRAGYIIPLQGPGLTTTESRQQPMALAVALTKGGEARGELFWDDGESLEVLERGAYTQVIFLA
RNNTIVNELVRVTSEGAGLQLQKVTVLGVATAPQQVLSNGVPVSNFTYSPDTKVLDI(CSO)VSLLMGEQFLVSWC
;
_entity_poly.pdbx_strand_id   A
#
# COMPACT_ATOMS: atom_id res chain seq x y z
N GLN A 1 -32.46 22.64 -22.48
CA GLN A 1 -31.84 21.29 -22.61
C GLN A 1 -30.31 21.33 -22.54
N CYS A 2 -29.68 22.29 -23.23
CA CYS A 2 -28.21 22.44 -23.16
C CYS A 2 -27.74 23.46 -22.14
N ASP A 3 -28.67 23.95 -21.33
CA ASP A 3 -28.34 24.83 -20.24
C ASP A 3 -27.84 23.96 -19.08
N VAL A 4 -26.59 23.51 -19.19
CA VAL A 4 -25.96 22.71 -18.15
C VAL A 4 -24.76 23.48 -17.62
N PRO A 5 -24.69 23.68 -16.29
CA PRO A 5 -23.59 24.45 -15.72
C PRO A 5 -22.23 23.84 -16.09
N PRO A 6 -21.22 24.70 -16.31
CA PRO A 6 -19.93 24.23 -16.81
C PRO A 6 -19.38 23.01 -16.07
N ASN A 7 -19.39 23.06 -14.75
CA ASN A 7 -18.83 21.99 -13.92
C ASN A 7 -19.55 20.66 -13.96
N SER A 8 -20.77 20.66 -14.46
CA SER A 8 -21.61 19.47 -14.51
C SER A 8 -21.77 18.93 -15.92
N ARG A 9 -20.95 19.43 -16.84
CA ARG A 9 -20.92 18.88 -18.20
C ARG A 9 -20.09 17.58 -18.27
N PHE A 10 -20.74 16.49 -18.67
CA PHE A 10 -20.10 15.23 -18.89
C PHE A 10 -19.77 15.06 -20.36
N ASP A 11 -18.55 14.62 -20.62
CA ASP A 11 -17.96 14.61 -21.96
C ASP A 11 -18.65 13.63 -22.87
N CYS A 12 -19.19 14.14 -23.97
CA CYS A 12 -19.83 13.31 -25.00
C CYS A 12 -18.88 12.95 -26.14
N ALA A 13 -17.64 13.41 -26.06
CA ALA A 13 -16.61 13.04 -27.04
C ALA A 13 -15.33 12.58 -26.36
N PRO A 14 -15.45 11.57 -25.49
CA PRO A 14 -14.24 11.08 -24.83
C PRO A 14 -13.27 10.36 -25.79
N ASP A 15 -13.77 9.91 -26.94
CA ASP A 15 -13.03 9.03 -27.86
C ASP A 15 -12.20 9.72 -28.98
N LYS A 16 -12.54 10.97 -29.31
CA LYS A 16 -11.90 11.66 -30.44
C LYS A 16 -12.19 13.16 -30.41
N ALA A 17 -11.35 13.92 -31.10
CA ALA A 17 -11.63 15.32 -31.36
C ALA A 17 -12.92 15.38 -32.19
N ILE A 18 -13.80 16.31 -31.85
CA ILE A 18 -15.13 16.37 -32.47
C ILE A 18 -15.52 17.80 -32.86
N THR A 19 -16.26 17.96 -33.97
CA THR A 19 -16.74 19.29 -34.40
C THR A 19 -18.12 19.59 -33.82
N GLN A 20 -18.58 20.82 -33.96
CA GLN A 20 -19.92 21.16 -33.50
C GLN A 20 -20.97 20.31 -34.24
N GLU A 21 -20.78 20.13 -35.54
CA GLU A 21 -21.78 19.41 -36.32
C GLU A 21 -21.82 17.96 -35.91
N GLN A 22 -20.66 17.35 -35.69
CA GLN A 22 -20.59 15.96 -35.22
C GLN A 22 -21.17 15.80 -33.81
N CYS A 23 -20.84 16.73 -32.92
CA CYS A 23 -21.38 16.77 -31.57
C CYS A 23 -22.92 16.79 -31.58
N GLU A 24 -23.49 17.75 -32.30
CA GLU A 24 -24.93 17.82 -32.42
C GLU A 24 -25.51 16.57 -33.10
N ALA A 25 -24.80 16.02 -34.09
CA ALA A 25 -25.25 14.79 -34.75
C ALA A 25 -25.27 13.57 -33.80
N ARG A 26 -24.46 13.59 -32.75
CA ARG A 26 -24.52 12.54 -31.74
C ARG A 26 -25.68 12.71 -30.74
N GLY A 27 -26.43 13.80 -30.88
CA GLY A 27 -27.47 14.14 -29.91
C GLY A 27 -26.87 14.78 -28.67
N CYS A 28 -25.72 15.44 -28.83
CA CYS A 28 -25.08 16.14 -27.72
C CYS A 28 -25.06 17.66 -27.89
N CYS A 29 -24.69 18.35 -26.81
CA CYS A 29 -24.66 19.81 -26.74
C CYS A 29 -23.24 20.36 -26.95
N TYR A 30 -23.13 21.41 -27.75
CA TYR A 30 -21.85 22.02 -28.03
C TYR A 30 -21.80 23.46 -27.51
N ILE A 31 -20.95 23.70 -26.51
CA ILE A 31 -20.75 25.04 -25.97
C ILE A 31 -19.29 25.15 -25.61
N PRO A 32 -18.54 26.01 -26.32
CA PRO A 32 -17.11 26.05 -26.02
C PRO A 32 -16.83 26.57 -24.61
N ALA A 33 -15.83 25.99 -23.95
CA ALA A 33 -15.31 26.61 -22.72
C ALA A 33 -14.86 28.06 -23.03
N LYS A 34 -14.86 28.92 -22.03
CA LYS A 34 -14.48 30.31 -22.22
C LYS A 34 -12.97 30.54 -22.09
N GLN A 35 -12.24 29.48 -21.74
CA GLN A 35 -10.79 29.51 -21.57
C GLN A 35 -10.25 28.12 -21.76
N GLY A 43 -9.75 18.73 -20.24
CA GLY A 43 -10.38 19.89 -19.50
C GLY A 43 -11.90 19.79 -19.56
N GLN A 44 -12.59 20.89 -19.30
CA GLN A 44 -14.05 20.94 -19.40
C GLN A 44 -14.46 20.61 -20.85
N PRO A 45 -15.37 19.61 -21.04
CA PRO A 45 -15.74 19.24 -22.40
C PRO A 45 -16.62 20.29 -23.12
N TRP A 46 -16.30 20.54 -24.37
CA TRP A 46 -17.07 21.45 -25.21
C TRP A 46 -18.31 20.73 -25.72
N CYS A 47 -18.18 19.41 -25.90
CA CYS A 47 -19.30 18.56 -26.36
C CYS A 47 -19.79 17.70 -25.20
N PHE A 48 -21.04 17.87 -24.81
CA PHE A 48 -21.52 17.19 -23.60
C PHE A 48 -22.98 16.72 -23.68
N PHE A 49 -23.33 15.80 -22.78
CA PHE A 49 -24.65 15.17 -22.80
C PHE A 49 -25.74 16.09 -22.31
N PRO A 50 -26.84 16.22 -23.05
CA PRO A 50 -27.98 16.85 -22.42
C PRO A 50 -28.59 15.87 -21.44
N PRO A 51 -29.40 16.38 -20.51
CA PRO A 51 -30.15 15.48 -19.62
C PRO A 51 -30.99 14.42 -20.35
N SER A 52 -31.38 14.68 -21.60
CA SER A 52 -32.20 13.75 -22.37
C SER A 52 -31.39 12.72 -23.18
N TYR A 53 -30.07 12.73 -23.05
CA TYR A 53 -29.26 11.81 -23.83
C TYR A 53 -29.70 10.35 -23.57
N PRO A 54 -29.88 9.56 -24.64
CA PRO A 54 -30.35 8.18 -24.42
C PRO A 54 -29.45 7.37 -23.51
N SER A 55 -30.06 6.70 -22.53
CA SER A 55 -29.33 5.88 -21.58
C SER A 55 -30.02 4.52 -21.58
N TYR A 56 -29.98 3.81 -20.46
CA TYR A 56 -30.76 2.61 -20.25
C TYR A 56 -32.02 2.91 -19.45
N LYS A 57 -33.04 2.10 -19.66
CA LYS A 57 -34.29 2.19 -18.93
C LYS A 57 -34.42 1.00 -17.97
N LEU A 58 -34.80 1.27 -16.73
CA LEU A 58 -35.04 0.23 -15.73
C LEU A 58 -36.40 -0.41 -15.99
N GLU A 59 -36.46 -1.73 -16.02
CA GLU A 59 -37.73 -2.45 -16.19
C GLU A 59 -37.76 -3.67 -15.33
N ASN A 60 -38.96 -4.02 -14.87
CA ASN A 60 -39.20 -5.24 -14.12
C ASN A 60 -38.35 -5.36 -12.84
N LEU A 61 -38.25 -4.24 -12.11
CA LEU A 61 -37.60 -4.26 -10.79
C LEU A 61 -38.40 -5.17 -9.88
N SER A 62 -37.70 -6.07 -9.18
CA SER A 62 -38.31 -6.93 -8.17
C SER A 62 -37.37 -7.16 -7.00
N SER A 63 -37.96 -7.58 -5.90
CA SER A 63 -37.30 -7.66 -4.62
C SER A 63 -37.11 -9.09 -4.20
N SER A 64 -35.99 -9.38 -3.55
CA SER A 64 -35.76 -10.70 -2.95
C SER A 64 -35.22 -10.51 -1.53
N GLU A 65 -35.05 -11.60 -0.78
CA GLU A 65 -34.33 -11.51 0.51
C GLU A 65 -32.92 -10.94 0.37
N MET A 66 -32.27 -11.18 -0.76
CA MET A 66 -30.92 -10.68 -1.02
C MET A 66 -30.86 -9.17 -1.29
N GLY A 67 -31.90 -8.64 -1.94
CA GLY A 67 -31.93 -7.25 -2.40
C GLY A 67 -32.87 -7.10 -3.59
N TYR A 68 -32.34 -6.66 -4.74
CA TYR A 68 -33.15 -6.35 -5.94
C TYR A 68 -32.55 -6.90 -7.21
N THR A 69 -33.39 -7.11 -8.23
CA THR A 69 -32.93 -7.39 -9.57
C THR A 69 -33.80 -6.64 -10.56
N ALA A 70 -33.23 -6.31 -11.72
CA ALA A 70 -33.95 -5.63 -12.78
C ALA A 70 -33.28 -5.86 -14.14
N THR A 71 -34.02 -5.54 -15.19
CA THR A 71 -33.51 -5.52 -16.55
C THR A 71 -33.31 -4.05 -16.93
N LEU A 72 -32.23 -3.80 -17.67
CA LEU A 72 -31.91 -2.47 -18.16
C LEU A 72 -31.86 -2.56 -19.66
N THR A 73 -32.60 -1.68 -20.34
CA THR A 73 -32.67 -1.70 -21.78
C THR A 73 -32.25 -0.38 -22.40
N ARG A 74 -31.34 -0.45 -23.37
CA ARG A 74 -30.97 0.69 -24.18
C ARG A 74 -31.67 0.58 -25.51
N THR A 75 -32.26 1.69 -25.97
CA THR A 75 -33.02 1.69 -27.23
C THR A 75 -32.26 2.34 -28.38
N THR A 76 -31.49 3.38 -28.09
CA THR A 76 -30.74 4.10 -29.12
C THR A 76 -29.24 3.83 -28.94
N PRO A 77 -28.57 3.35 -29.98
CA PRO A 77 -27.14 3.07 -29.82
C PRO A 77 -26.33 4.30 -29.40
N THR A 78 -25.20 4.05 -28.72
CA THR A 78 -24.25 5.12 -28.46
C THR A 78 -23.35 5.23 -29.68
N PHE A 79 -22.31 6.05 -29.58
CA PHE A 79 -21.31 6.22 -30.65
C PHE A 79 -20.19 5.19 -30.56
N PHE A 80 -20.24 4.27 -29.61
CA PHE A 80 -19.25 3.17 -29.56
C PHE A 80 -19.81 1.96 -30.24
N PRO A 81 -18.94 1.10 -30.78
CA PRO A 81 -19.46 -0.13 -31.36
C PRO A 81 -19.88 -1.13 -30.29
N LYS A 82 -20.81 -2.00 -30.65
CA LYS A 82 -21.20 -3.15 -29.86
C LYS A 82 -21.77 -2.84 -28.49
N ASP A 83 -22.68 -1.87 -28.41
CA ASP A 83 -23.52 -1.70 -27.23
C ASP A 83 -24.14 -3.05 -26.85
N ILE A 84 -24.21 -3.34 -25.56
CA ILE A 84 -24.97 -4.47 -25.08
C ILE A 84 -26.32 -3.89 -24.66
N LEU A 85 -27.33 -4.16 -25.47
CA LEU A 85 -28.60 -3.41 -25.36
C LEU A 85 -29.47 -3.81 -24.18
N THR A 86 -29.36 -5.06 -23.76
CA THR A 86 -30.09 -5.58 -22.61
C THR A 86 -29.10 -6.06 -21.55
N LEU A 87 -29.23 -5.52 -20.34
CA LEU A 87 -28.38 -5.88 -19.20
C LEU A 87 -29.22 -6.35 -18.00
N ARG A 88 -28.60 -7.08 -17.07
CA ARG A 88 -29.22 -7.43 -15.79
C ARG A 88 -28.55 -6.69 -14.63
N LEU A 89 -29.39 -6.08 -13.79
CA LEU A 89 -28.94 -5.43 -12.54
C LEU A 89 -29.21 -6.34 -11.37
N ASP A 90 -28.19 -6.58 -10.53
CA ASP A 90 -28.36 -7.34 -9.30
C ASP A 90 -27.83 -6.52 -8.15
N VAL A 91 -28.67 -6.30 -7.14
CA VAL A 91 -28.34 -5.48 -5.99
C VAL A 91 -28.43 -6.36 -4.77
N MET A 92 -27.33 -6.45 -4.03
CA MET A 92 -27.16 -7.35 -2.90
C MET A 92 -26.86 -6.49 -1.69
N MET A 93 -27.79 -6.52 -0.73
CA MET A 93 -27.63 -5.79 0.50
C MET A 93 -26.92 -6.73 1.46
N GLU A 94 -25.59 -6.69 1.42
CA GLU A 94 -24.82 -7.79 1.99
C GLU A 94 -24.65 -7.71 3.49
N THR A 95 -24.27 -6.54 4.02
CA THR A 95 -24.21 -6.30 5.47
C THR A 95 -24.79 -4.92 5.76
N GLU A 96 -24.88 -4.56 7.03
CA GLU A 96 -25.35 -3.21 7.36
C GLU A 96 -24.40 -2.13 6.80
N ASN A 97 -23.12 -2.48 6.55
CA ASN A 97 -22.14 -1.52 6.03
C ASN A 97 -21.77 -1.66 4.57
N ARG A 98 -22.13 -2.79 3.95
CA ARG A 98 -21.67 -3.10 2.60
C ARG A 98 -22.83 -3.37 1.66
N LEU A 99 -22.96 -2.52 0.64
CA LEU A 99 -23.90 -2.68 -0.46
C LEU A 99 -23.08 -3.08 -1.69
N HIS A 100 -23.61 -3.98 -2.49
CA HIS A 100 -22.87 -4.56 -3.63
C HIS A 100 -23.83 -4.63 -4.80
N PHE A 101 -23.44 -4.11 -5.96
CA PHE A 101 -24.26 -4.31 -7.16
C PHE A 101 -23.47 -4.68 -8.40
N THR A 102 -24.10 -5.46 -9.27
CA THR A 102 -23.52 -5.83 -10.53
C THR A 102 -24.45 -5.46 -11.68
N ILE A 103 -23.83 -5.08 -12.78
CA ILE A 103 -24.49 -4.88 -14.05
C ILE A 103 -23.74 -5.77 -15.06
N LYS A 104 -24.46 -6.76 -15.58
CA LYS A 104 -23.94 -7.81 -16.46
C LYS A 104 -24.80 -8.01 -17.71
N ASP A 105 -24.22 -8.73 -18.66
CA ASP A 105 -24.92 -9.18 -19.85
C ASP A 105 -25.56 -10.56 -19.55
N PRO A 106 -26.90 -10.63 -19.45
CA PRO A 106 -27.50 -11.91 -19.11
C PRO A 106 -27.37 -12.98 -20.22
N ALA A 107 -27.06 -12.59 -21.43
CA ALA A 107 -26.99 -13.55 -22.54
C ALA A 107 -25.58 -14.07 -22.79
N ASN A 108 -24.58 -13.54 -22.08
CA ASN A 108 -23.18 -13.91 -22.29
C ASN A 108 -22.36 -13.69 -21.05
N ARG A 109 -21.68 -14.71 -20.60
CA ARG A 109 -20.72 -14.56 -19.52
C ARG A 109 -19.60 -13.63 -20.02
N ARG A 110 -19.25 -12.63 -19.23
CA ARG A 110 -18.18 -11.68 -19.61
C ARG A 110 -17.03 -11.88 -18.61
N TYR A 111 -15.82 -11.46 -18.97
CA TYR A 111 -14.67 -11.52 -18.06
C TYR A 111 -14.94 -10.86 -16.70
N GLU A 112 -14.58 -11.56 -15.63
CA GLU A 112 -14.73 -11.08 -14.27
C GLU A 112 -13.44 -11.36 -13.51
N VAL A 113 -13.07 -10.46 -12.62
CA VAL A 113 -11.80 -10.54 -11.91
C VAL A 113 -11.88 -11.68 -10.90
N PRO A 114 -10.93 -12.62 -10.93
CA PRO A 114 -10.96 -13.68 -9.92
C PRO A 114 -10.75 -13.16 -8.50
N LEU A 115 -11.66 -13.47 -7.58
CA LEU A 115 -11.56 -12.99 -6.19
C LEU A 115 -12.44 -13.82 -5.25
N GLU A 116 -11.85 -14.33 -4.17
CA GLU A 116 -12.57 -15.17 -3.21
C GLU A 116 -13.63 -14.36 -2.44
N THR A 117 -14.81 -14.96 -2.27
CA THR A 117 -15.92 -14.36 -1.52
C THR A 117 -15.57 -14.15 -0.03
N ALA A 124 -30.41 0.46 16.48
CA ALA A 124 -31.58 -0.12 15.82
C ALA A 124 -31.15 -0.89 14.57
N PRO A 125 -31.76 -2.06 14.32
CA PRO A 125 -31.36 -2.95 13.20
C PRO A 125 -31.82 -2.45 11.82
N SER A 126 -30.86 -1.94 11.03
CA SER A 126 -31.14 -1.41 9.70
C SER A 126 -29.79 -1.09 9.07
N PRO A 127 -29.67 -1.20 7.75
CA PRO A 127 -28.38 -0.84 7.15
C PRO A 127 -28.06 0.63 7.32
N LEU A 128 -26.78 1.00 7.15
CA LEU A 128 -26.36 2.40 7.17
C LEU A 128 -26.77 3.15 5.90
N TYR A 129 -27.10 2.39 4.85
CA TYR A 129 -27.47 2.92 3.53
C TYR A 129 -28.95 2.65 3.25
N SER A 130 -29.51 3.43 2.33
CA SER A 130 -30.71 3.05 1.58
C SER A 130 -30.34 3.09 0.13
N VAL A 131 -31.04 2.32 -0.69
CA VAL A 131 -30.86 2.36 -2.13
C VAL A 131 -32.20 2.61 -2.83
N GLU A 132 -32.20 3.49 -3.82
CA GLU A 132 -33.39 3.81 -4.63
C GLU A 132 -32.96 3.84 -6.09
N PHE A 133 -33.92 3.83 -7.01
CA PHE A 133 -33.59 3.78 -8.42
C PHE A 133 -34.34 4.81 -9.25
N SER A 134 -33.65 5.35 -10.26
CA SER A 134 -34.29 6.19 -11.24
C SER A 134 -34.63 5.30 -12.43
N GLU A 135 -35.81 5.51 -12.99
CA GLU A 135 -36.34 4.64 -14.05
C GLU A 135 -35.75 4.95 -15.44
N GLU A 136 -35.82 6.21 -15.85
CA GLU A 136 -35.38 6.64 -17.18
C GLU A 136 -35.00 8.13 -17.13
N PRO A 137 -33.70 8.45 -17.22
CA PRO A 137 -32.57 7.56 -17.38
C PRO A 137 -32.32 6.76 -16.12
N PHE A 138 -31.85 5.53 -16.30
CA PHE A 138 -31.54 4.69 -15.17
C PHE A 138 -30.44 5.26 -14.28
N GLY A 139 -30.61 5.09 -12.98
CA GLY A 139 -29.52 5.32 -12.06
C GLY A 139 -29.78 4.66 -10.74
N VAL A 140 -28.70 4.44 -10.00
CA VAL A 140 -28.75 3.91 -8.65
C VAL A 140 -28.44 5.08 -7.71
N ILE A 141 -29.23 5.21 -6.65
CA ILE A 141 -29.08 6.30 -5.70
C ILE A 141 -28.90 5.69 -4.31
N VAL A 142 -27.81 6.05 -3.65
CA VAL A 142 -27.49 5.55 -2.32
C VAL A 142 -27.38 6.69 -1.33
N HIS A 143 -28.23 6.65 -0.32
CA HIS A 143 -28.26 7.65 0.76
C HIS A 143 -27.61 7.06 2.00
N ARG A 144 -26.95 7.90 2.78
CA ARG A 144 -26.61 7.56 4.15
C ARG A 144 -27.88 7.78 4.96
N GLN A 145 -28.37 6.76 5.65
CA GLN A 145 -29.65 6.86 6.39
C GLN A 145 -29.61 7.89 7.51
N LEU A 146 -28.52 7.92 8.27
CA LEU A 146 -28.48 8.74 9.48
C LEU A 146 -28.76 10.21 9.19
N ASP A 147 -28.21 10.75 8.11
CA ASP A 147 -28.29 12.18 7.84
C ASP A 147 -28.87 12.53 6.46
N GLY A 148 -29.27 11.52 5.68
CA GLY A 148 -29.83 11.73 4.35
C GLY A 148 -28.86 12.13 3.24
N ARG A 149 -27.55 12.08 3.47
CA ARG A 149 -26.60 12.57 2.47
C ARG A 149 -26.56 11.63 1.26
N VAL A 150 -26.58 12.21 0.06
CA VAL A 150 -26.50 11.46 -1.19
C VAL A 150 -25.02 11.08 -1.45
N LEU A 151 -24.72 9.79 -1.39
CA LEU A 151 -23.35 9.31 -1.53
C LEU A 151 -23.08 8.89 -2.98
N LEU A 152 -23.99 8.10 -3.54
CA LEU A 152 -23.95 7.70 -4.94
C LEU A 152 -25.23 8.08 -5.67
N ASN A 153 -25.08 8.60 -6.87
CA ASN A 153 -26.20 8.92 -7.75
C ASN A 153 -25.77 8.80 -9.19
N THR A 154 -26.03 7.65 -9.80
CA THR A 154 -25.49 7.39 -11.11
C THR A 154 -26.40 7.92 -12.21
N THR A 155 -27.48 8.59 -11.80
CA THR A 155 -28.43 9.18 -12.74
C THR A 155 -27.82 10.41 -13.41
N VAL A 156 -26.71 10.93 -12.86
CA VAL A 156 -26.09 12.17 -13.34
C VAL A 156 -25.59 12.14 -14.79
N ALA A 157 -25.42 10.97 -15.35
CA ALA A 157 -24.91 10.86 -16.72
C ALA A 157 -25.33 9.51 -17.28
N PRO A 158 -25.30 9.35 -18.61
CA PRO A 158 -25.75 8.09 -19.20
C PRO A 158 -24.96 6.88 -18.69
N LEU A 159 -25.58 5.73 -18.71
CA LEU A 159 -24.84 4.46 -18.55
C LEU A 159 -24.43 4.00 -19.96
N PHE A 160 -23.14 3.75 -20.13
CA PHE A 160 -22.59 3.17 -21.37
C PHE A 160 -22.17 1.77 -20.97
N PHE A 161 -22.58 0.78 -21.74
CA PHE A 161 -22.14 -0.60 -21.57
C PHE A 161 -22.04 -1.23 -22.97
N ALA A 162 -20.85 -1.08 -23.55
CA ALA A 162 -20.49 -1.72 -24.79
C ALA A 162 -19.36 -2.72 -24.52
N ASP A 163 -19.08 -3.55 -25.52
CA ASP A 163 -18.17 -4.67 -25.32
C ASP A 163 -16.79 -4.21 -24.79
N GLN A 164 -16.27 -3.10 -25.32
CA GLN A 164 -14.98 -2.55 -24.87
C GLN A 164 -15.08 -1.11 -24.32
N PHE A 165 -16.23 -0.72 -23.81
CA PHE A 165 -16.40 0.58 -23.16
C PHE A 165 -17.56 0.54 -22.17
N LEU A 166 -17.20 0.61 -20.89
CA LEU A 166 -18.18 0.77 -19.80
C LEU A 166 -17.96 2.14 -19.18
N GLN A 167 -19.05 2.90 -19.02
CA GLN A 167 -18.99 4.15 -18.25
C GLN A 167 -20.13 4.24 -17.25
N LEU A 168 -19.75 4.48 -15.99
CA LEU A 168 -20.70 4.73 -14.93
C LEU A 168 -20.25 5.97 -14.15
N SER A 169 -21.14 6.94 -13.98
CA SER A 169 -20.78 8.16 -13.26
C SER A 169 -21.55 8.29 -11.97
N THR A 170 -21.08 9.16 -11.10
CA THR A 170 -21.80 9.56 -9.90
C THR A 170 -21.42 10.95 -9.44
N SER A 171 -22.35 11.62 -8.75
CA SER A 171 -21.98 12.75 -7.91
C SER A 171 -21.08 12.28 -6.76
N LEU A 172 -20.20 13.16 -6.33
CA LEU A 172 -19.39 12.95 -5.14
C LEU A 172 -19.93 13.88 -4.03
N PRO A 173 -19.74 13.49 -2.74
CA PRO A 173 -20.36 14.26 -1.65
C PRO A 173 -19.56 15.48 -1.21
N SER A 174 -18.32 15.56 -1.66
CA SER A 174 -17.45 16.70 -1.35
C SER A 174 -16.32 16.75 -2.35
N GLN A 175 -15.47 17.78 -2.20
CA GLN A 175 -14.28 17.94 -3.05
C GLN A 175 -13.08 17.08 -2.59
N TYR A 176 -13.33 16.20 -1.61
CA TYR A 176 -12.28 15.44 -0.94
C TYR A 176 -12.43 13.95 -1.19
N ILE A 177 -11.48 13.43 -1.95
CA ILE A 177 -11.47 12.06 -2.39
C ILE A 177 -10.02 11.60 -2.49
N THR A 178 -9.78 10.35 -2.08
CA THR A 178 -8.44 9.76 -2.11
C THR A 178 -8.54 8.33 -2.59
N GLY A 179 -7.50 7.87 -3.28
CA GLY A 179 -7.41 6.48 -3.73
C GLY A 179 -6.89 6.42 -5.15
N LEU A 180 -7.31 5.39 -5.87
CA LEU A 180 -7.03 5.25 -7.30
C LEU A 180 -5.54 5.24 -7.62
N ALA A 181 -4.78 4.50 -6.82
CA ALA A 181 -3.36 4.27 -7.09
C ALA A 181 -3.14 3.49 -8.39
N GLU A 182 -1.94 3.52 -8.97
CA GLU A 182 -0.73 4.16 -8.42
C GLU A 182 -0.31 5.36 -9.24
N HIS A 183 -0.19 6.50 -8.57
CA HIS A 183 0.14 7.78 -9.22
C HIS A 183 0.87 8.67 -8.24
N LEU A 184 1.68 9.57 -8.79
CA LEU A 184 2.46 10.50 -7.96
C LEU A 184 1.60 11.74 -7.83
N SER A 185 0.97 11.89 -6.67
CA SER A 185 0.04 12.99 -6.42
C SER A 185 -0.12 13.26 -4.92
N PRO A 186 -0.74 14.39 -4.57
CA PRO A 186 -1.16 14.56 -3.17
C PRO A 186 -2.10 13.44 -2.75
N LEU A 187 -2.22 13.21 -1.45
CA LEU A 187 -3.12 12.17 -0.96
C LEU A 187 -4.56 12.47 -1.35
N MET A 188 -4.96 13.74 -1.25
CA MET A 188 -6.28 14.16 -1.74
C MET A 188 -6.18 14.50 -3.22
N LEU A 189 -7.04 13.90 -4.04
CA LEU A 189 -6.96 14.05 -5.48
C LEU A 189 -7.63 15.34 -5.94
N SER A 190 -7.15 15.90 -7.04
CA SER A 190 -7.73 17.10 -7.62
C SER A 190 -9.01 16.77 -8.42
N THR A 191 -10.10 17.46 -8.14
CA THR A 191 -11.33 17.32 -8.96
C THR A 191 -11.40 18.27 -10.16
N SER A 192 -10.31 18.94 -10.49
CA SER A 192 -10.30 19.89 -11.62
C SER A 192 -10.11 19.24 -12.97
N TRP A 193 -11.11 18.49 -13.42
CA TRP A 193 -11.01 17.80 -14.70
C TRP A 193 -9.73 16.99 -14.73
N THR A 194 -9.64 15.99 -13.87
CA THR A 194 -8.44 15.16 -13.74
C THR A 194 -8.75 13.81 -14.34
N ARG A 195 -7.85 13.29 -15.16
CA ARG A 195 -8.00 11.98 -15.78
C ARG A 195 -6.96 11.07 -15.11
N ILE A 196 -7.42 10.01 -14.44
CA ILE A 196 -6.52 9.14 -13.67
C ILE A 196 -6.56 7.78 -14.36
N THR A 197 -5.39 7.36 -14.88
CA THR A 197 -5.32 6.16 -15.71
C THR A 197 -4.74 4.98 -14.92
N LEU A 198 -5.47 3.87 -14.91
CA LEU A 198 -5.04 2.62 -14.29
C LEU A 198 -4.65 1.59 -15.38
N TRP A 199 -3.35 1.49 -15.61
CA TRP A 199 -2.79 0.50 -16.55
C TRP A 199 -1.34 0.28 -16.13
N ASN A 200 -1.07 -0.89 -15.56
CA ASN A 200 0.23 -1.13 -14.94
C ASN A 200 1.36 -0.94 -15.97
N ARG A 201 2.36 -0.13 -15.59
CA ARG A 201 3.36 0.41 -16.51
C ARG A 201 4.69 0.65 -15.79
N ASP A 202 5.76 0.12 -16.38
CA ASP A 202 7.13 0.40 -15.94
C ASP A 202 7.47 1.83 -16.35
N LEU A 203 7.36 2.74 -15.40
CA LEU A 203 7.79 4.12 -15.56
C LEU A 203 8.21 4.63 -14.21
N ALA A 204 9.32 5.34 -14.17
CA ALA A 204 9.75 6.01 -12.95
C ALA A 204 8.65 6.98 -12.48
N PRO A 205 8.34 7.00 -11.18
CA PRO A 205 7.22 7.86 -10.73
C PRO A 205 7.41 9.32 -11.10
N THR A 206 6.46 9.83 -11.88
CA THR A 206 6.36 11.24 -12.24
C THR A 206 4.86 11.58 -12.29
N PRO A 207 4.49 12.87 -12.10
CA PRO A 207 3.03 13.16 -12.03
C PRO A 207 2.29 12.98 -13.36
N GLY A 208 1.00 12.70 -13.28
CA GLY A 208 0.16 12.58 -14.47
C GLY A 208 0.26 11.27 -15.23
N ALA A 209 1.02 10.32 -14.73
CA ALA A 209 1.27 9.07 -15.46
C ALA A 209 0.71 7.85 -14.75
N ASN A 210 0.27 6.87 -15.53
CA ASN A 210 0.01 5.54 -15.01
C ASN A 210 1.29 4.84 -14.62
N LEU A 211 1.39 4.44 -13.34
CA LEU A 211 2.57 3.78 -12.81
C LEU A 211 2.37 2.25 -12.66
N TYR A 212 3.11 1.65 -11.74
CA TYR A 212 3.29 0.21 -11.71
C TYR A 212 2.03 -0.59 -11.30
N GLY A 213 1.13 0.05 -10.56
CA GLY A 213 -0.03 -0.63 -10.00
C GLY A 213 -1.34 0.08 -10.28
N SER A 214 -2.43 -0.64 -10.03
CA SER A 214 -3.79 -0.16 -10.27
C SER A 214 -4.74 -0.62 -9.15
N HIS A 215 -5.38 0.34 -8.48
CA HIS A 215 -6.30 0.04 -7.36
C HIS A 215 -7.57 0.89 -7.53
N PRO A 216 -8.60 0.32 -8.16
CA PRO A 216 -9.83 1.04 -8.42
C PRO A 216 -10.75 1.12 -7.18
N PHE A 217 -10.25 1.84 -6.19
CA PHE A 217 -10.95 2.12 -4.96
C PHE A 217 -10.78 3.59 -4.63
N TYR A 218 -11.86 4.24 -4.21
CA TYR A 218 -11.76 5.56 -3.60
C TYR A 218 -12.49 5.62 -2.27
N LEU A 219 -12.00 6.52 -1.42
CA LEU A 219 -12.65 6.89 -0.18
C LEU A 219 -13.02 8.35 -0.30
N ALA A 220 -14.29 8.66 -0.02
CA ALA A 220 -14.80 10.02 -0.15
C ALA A 220 -15.21 10.58 1.20
N LEU A 221 -14.71 11.76 1.54
CA LEU A 221 -15.07 12.39 2.81
C LEU A 221 -16.36 13.17 2.67
N GLU A 222 -17.08 13.29 3.79
CA GLU A 222 -18.34 13.97 3.87
C GLU A 222 -18.25 15.05 4.95
N ASP A 223 -18.94 16.17 4.72
CA ASP A 223 -18.94 17.27 5.66
C ASP A 223 -19.30 16.78 7.06
N GLY A 224 -18.45 17.08 8.03
CA GLY A 224 -18.65 16.62 9.40
C GLY A 224 -17.75 15.46 9.80
N GLY A 225 -17.12 14.79 8.85
CA GLY A 225 -16.13 13.76 9.20
C GLY A 225 -16.47 12.30 8.94
N SER A 226 -17.68 12.03 8.46
CA SER A 226 -17.99 10.68 7.99
C SER A 226 -17.40 10.47 6.61
N ALA A 227 -17.45 9.24 6.16
CA ALA A 227 -16.91 8.87 4.85
C ALA A 227 -17.51 7.57 4.33
N HIS A 228 -17.36 7.37 3.03
CA HIS A 228 -17.70 6.06 2.45
C HIS A 228 -16.64 5.70 1.40
N GLY A 229 -16.64 4.45 0.96
CA GLY A 229 -15.73 4.00 -0.07
C GLY A 229 -16.44 3.31 -1.22
N VAL A 230 -15.81 3.32 -2.39
CA VAL A 230 -16.36 2.60 -3.53
C VAL A 230 -15.25 1.82 -4.21
N PHE A 231 -15.49 0.54 -4.45
CA PHE A 231 -14.55 -0.35 -5.12
C PHE A 231 -15.24 -0.83 -6.39
N LEU A 232 -14.60 -0.65 -7.54
CA LEU A 232 -15.08 -1.20 -8.81
C LEU A 232 -14.17 -2.37 -9.09
N LEU A 233 -14.68 -3.57 -8.90
CA LEU A 233 -13.89 -4.79 -9.12
C LEU A 233 -13.79 -5.02 -10.62
N ASN A 234 -12.83 -4.35 -11.24
CA ASN A 234 -12.61 -4.41 -12.70
C ASN A 234 -11.11 -4.24 -12.93
N SER A 235 -10.49 -5.14 -13.70
CA SER A 235 -9.05 -5.13 -13.91
C SER A 235 -8.65 -4.66 -15.29
N ASN A 236 -9.60 -4.14 -16.06
CA ASN A 236 -9.28 -3.67 -17.40
C ASN A 236 -8.59 -2.32 -17.33
N ALA A 237 -7.95 -1.93 -18.42
CA ALA A 237 -7.41 -0.59 -18.58
C ALA A 237 -8.56 0.38 -18.38
N MET A 238 -8.36 1.43 -17.57
CA MET A 238 -9.43 2.36 -17.31
C MET A 238 -8.95 3.77 -17.01
N ASP A 239 -9.80 4.74 -17.33
CA ASP A 239 -9.63 6.09 -16.85
C ASP A 239 -10.70 6.32 -15.80
N VAL A 240 -10.36 7.11 -14.80
CA VAL A 240 -11.32 7.66 -13.87
C VAL A 240 -11.20 9.19 -14.01
N VAL A 241 -12.34 9.82 -14.28
CA VAL A 241 -12.39 11.23 -14.64
C VAL A 241 -13.13 11.97 -13.54
N LEU A 242 -12.42 12.89 -12.89
CA LEU A 242 -12.96 13.68 -11.80
C LEU A 242 -13.26 15.07 -12.32
N GLN A 243 -14.44 15.59 -12.01
CA GLN A 243 -14.77 16.98 -12.37
C GLN A 243 -15.30 17.74 -11.16
N PRO A 244 -15.29 19.10 -11.22
CA PRO A 244 -15.45 19.88 -9.98
C PRO A 244 -16.87 20.10 -9.43
N SER A 245 -17.88 19.46 -10.03
CA SER A 245 -19.26 19.69 -9.60
C SER A 245 -19.58 19.42 -8.11
N PRO A 246 -18.99 18.39 -7.48
CA PRO A 246 -18.02 17.39 -7.90
C PRO A 246 -18.66 16.09 -8.34
N ALA A 247 -17.96 15.36 -9.20
CA ALA A 247 -18.47 14.12 -9.74
C ALA A 247 -17.33 13.26 -10.27
N LEU A 248 -17.63 12.00 -10.52
CA LEU A 248 -16.64 11.05 -10.99
C LEU A 248 -17.24 10.11 -12.02
N SER A 249 -16.44 9.75 -13.00
CA SER A 249 -16.82 8.76 -14.03
C SER A 249 -15.79 7.64 -14.08
N TRP A 250 -16.23 6.39 -13.90
CA TRP A 250 -15.40 5.23 -14.21
C TRP A 250 -15.56 4.92 -15.69
N ARG A 251 -14.46 4.72 -16.39
CA ARG A 251 -14.49 4.55 -17.82
C ARG A 251 -13.54 3.41 -18.12
N SER A 252 -14.08 2.18 -18.21
CA SER A 252 -13.26 0.97 -18.38
C SER A 252 -13.39 0.40 -19.76
N THR A 253 -12.39 -0.37 -20.17
CA THR A 253 -12.35 -0.93 -21.53
C THR A 253 -12.82 -2.39 -21.64
N GLY A 254 -13.36 -2.94 -20.56
CA GLY A 254 -13.95 -4.28 -20.63
C GLY A 254 -14.55 -4.73 -19.32
N GLY A 255 -14.80 -6.03 -19.22
CA GLY A 255 -15.35 -6.62 -18.01
C GLY A 255 -16.80 -6.27 -17.75
N ILE A 256 -17.18 -6.23 -16.49
CA ILE A 256 -18.54 -5.86 -16.09
C ILE A 256 -18.47 -4.72 -15.07
N LEU A 257 -19.61 -4.20 -14.66
CA LEU A 257 -19.62 -3.27 -13.53
C LEU A 257 -19.96 -4.09 -12.31
N ASP A 258 -19.02 -4.16 -11.38
CA ASP A 258 -19.14 -4.89 -10.14
C ASP A 258 -18.70 -3.91 -9.06
N VAL A 259 -19.68 -3.39 -8.32
CA VAL A 259 -19.49 -2.19 -7.51
C VAL A 259 -19.83 -2.45 -6.05
N TYR A 260 -18.88 -2.12 -5.17
CA TYR A 260 -19.10 -2.16 -3.73
C TYR A 260 -19.08 -0.77 -3.16
N ILE A 261 -20.04 -0.50 -2.27
CA ILE A 261 -20.09 0.73 -1.49
C ILE A 261 -19.96 0.40 0.00
N PHE A 262 -19.00 1.01 0.68
CA PHE A 262 -18.74 0.78 2.10
C PHE A 262 -19.14 2.01 2.91
N LEU A 263 -20.01 1.84 3.91
CA LEU A 263 -20.66 2.97 4.56
C LEU A 263 -19.93 3.61 5.73
N GLY A 264 -18.84 2.99 6.21
CA GLY A 264 -18.10 3.58 7.30
C GLY A 264 -18.90 3.46 8.59
N PRO A 265 -19.25 4.59 9.24
CA PRO A 265 -19.08 6.00 8.84
C PRO A 265 -17.69 6.60 9.05
N GLU A 266 -16.85 5.99 9.88
CA GLU A 266 -15.54 6.56 10.15
C GLU A 266 -14.63 6.16 9.00
N PRO A 267 -13.73 7.05 8.56
CA PRO A 267 -12.76 6.64 7.56
C PRO A 267 -11.97 5.35 7.84
N LYS A 268 -11.59 5.10 9.10
CA LYS A 268 -10.91 3.85 9.41
C LYS A 268 -11.82 2.62 9.21
N SER A 269 -13.13 2.79 9.45
CA SER A 269 -14.07 1.71 9.21
C SER A 269 -14.27 1.45 7.72
N VAL A 270 -14.27 2.52 6.92
CA VAL A 270 -14.40 2.38 5.47
C VAL A 270 -13.25 1.48 4.96
N VAL A 271 -12.03 1.75 5.44
CA VAL A 271 -10.86 0.99 5.02
C VAL A 271 -11.02 -0.46 5.46
N GLN A 272 -11.39 -0.67 6.70
CA GLN A 272 -11.56 -2.03 7.20
C GLN A 272 -12.61 -2.77 6.39
N GLN A 273 -13.70 -2.09 6.02
CA GLN A 273 -14.77 -2.73 5.25
C GLN A 273 -14.34 -3.13 3.84
N TYR A 274 -13.53 -2.29 3.21
CA TYR A 274 -12.95 -2.59 1.91
C TYR A 274 -12.04 -3.81 2.03
N LEU A 275 -11.24 -3.87 3.08
CA LEU A 275 -10.31 -4.99 3.27
C LEU A 275 -11.02 -6.30 3.63
N ASP A 276 -12.21 -6.20 4.19
CA ASP A 276 -13.08 -7.36 4.42
CA ASP A 276 -13.01 -7.38 4.43
C ASP A 276 -13.41 -8.07 3.10
N VAL A 277 -13.46 -7.31 2.01
CA VAL A 277 -13.76 -7.85 0.67
C VAL A 277 -12.48 -8.29 -0.06
N VAL A 278 -11.44 -7.44 -0.07
CA VAL A 278 -10.22 -7.78 -0.84
C VAL A 278 -9.19 -8.57 -0.04
N GLY A 279 -9.30 -8.57 1.31
CA GLY A 279 -8.37 -9.29 2.17
C GLY A 279 -7.59 -8.38 3.10
N TYR A 280 -7.43 -8.84 4.34
CA TYR A 280 -6.63 -8.14 5.35
C TYR A 280 -5.15 -8.36 5.06
N PRO A 281 -4.30 -7.36 5.38
CA PRO A 281 -2.85 -7.48 5.21
C PRO A 281 -2.25 -8.75 5.85
N PHE A 282 -1.29 -9.35 5.15
CA PHE A 282 -0.55 -10.51 5.67
C PHE A 282 0.30 -10.02 6.82
N MET A 283 0.60 -10.91 7.76
CA MET A 283 1.48 -10.60 8.88
C MET A 283 2.94 -10.85 8.44
N PRO A 284 3.77 -9.80 8.43
CA PRO A 284 5.15 -10.09 8.09
C PRO A 284 5.88 -10.79 9.23
N PRO A 285 7.02 -11.42 8.91
CA PRO A 285 7.92 -11.81 9.96
C PRO A 285 8.52 -10.57 10.65
N TYR A 286 8.81 -10.67 11.94
CA TYR A 286 9.38 -9.57 12.73
C TYR A 286 10.65 -9.01 12.06
N TRP A 287 11.52 -9.89 11.56
CA TRP A 287 12.78 -9.45 10.95
C TRP A 287 12.54 -8.57 9.72
N GLY A 288 11.37 -8.70 9.10
CA GLY A 288 11.03 -7.91 7.95
C GLY A 288 10.85 -6.43 8.21
N LEU A 289 10.68 -6.09 9.49
CA LEU A 289 10.54 -4.72 9.97
C LEU A 289 11.87 -4.06 10.36
N GLY A 290 12.95 -4.83 10.31
CA GLY A 290 14.30 -4.29 10.50
C GLY A 290 14.77 -3.54 9.25
N PHE A 291 15.99 -3.01 9.30
CA PHE A 291 16.54 -2.27 8.18
C PHE A 291 17.00 -3.24 7.08
N HIS A 292 16.68 -2.90 5.85
CA HIS A 292 17.17 -3.60 4.67
C HIS A 292 18.09 -2.67 3.90
N LEU A 293 19.12 -3.24 3.28
CA LEU A 293 20.12 -2.49 2.52
C LEU A 293 20.46 -3.27 1.25
N CYS A 294 20.41 -2.54 0.15
CA CYS A 294 20.58 -3.07 -1.19
C CYS A 294 21.21 -2.00 -2.09
N ARG A 295 21.82 -2.45 -3.17
CA ARG A 295 22.04 -1.60 -4.32
C ARG A 295 22.19 -2.49 -5.56
N TRP A 296 21.93 -1.89 -6.72
CA TRP A 296 22.36 -2.45 -7.98
C TRP A 296 23.86 -2.12 -8.06
N GLY A 297 24.71 -3.15 -8.00
CA GLY A 297 26.17 -2.95 -8.13
C GLY A 297 27.06 -3.57 -7.07
N TYR A 298 26.48 -4.24 -6.08
CA TYR A 298 27.27 -5.11 -5.19
C TYR A 298 27.60 -6.33 -6.03
N SER A 299 28.74 -6.27 -6.72
CA SER A 299 29.01 -7.16 -7.85
C SER A 299 29.79 -8.43 -7.48
N SER A 300 30.04 -8.65 -6.20
CA SER A 300 30.61 -9.92 -5.76
C SER A 300 30.16 -10.24 -4.36
N THR A 301 30.39 -11.47 -3.91
CA THR A 301 30.13 -11.82 -2.52
C THR A 301 31.07 -11.08 -1.59
N ALA A 302 32.30 -10.84 -2.03
CA ALA A 302 33.29 -10.12 -1.22
C ALA A 302 32.80 -8.70 -0.96
N ILE A 303 32.39 -8.01 -2.01
CA ILE A 303 31.85 -6.65 -1.86
C ILE A 303 30.61 -6.66 -0.95
N THR A 304 29.72 -7.62 -1.18
CA THR A 304 28.47 -7.70 -0.41
C THR A 304 28.73 -7.95 1.08
N ARG A 305 29.68 -8.83 1.39
CA ARG A 305 30.10 -9.05 2.77
C ARG A 305 30.65 -7.76 3.40
N GLN A 306 31.35 -6.93 2.63
CA GLN A 306 31.89 -5.66 3.14
C GLN A 306 30.80 -4.72 3.64
N VAL A 307 29.63 -4.77 3.01
CA VAL A 307 28.52 -3.90 3.41
C VAL A 307 28.14 -4.21 4.85
N VAL A 308 27.95 -5.50 5.16
CA VAL A 308 27.60 -5.94 6.52
C VAL A 308 28.71 -5.60 7.54
N GLU A 309 29.95 -5.85 7.16
CA GLU A 309 31.12 -5.50 7.95
C GLU A 309 31.17 -4.00 8.25
N ASN A 310 31.03 -3.19 7.20
CA ASN A 310 31.05 -1.74 7.35
C ASN A 310 29.90 -1.18 8.18
N MET A 311 28.71 -1.75 8.03
CA MET A 311 27.55 -1.39 8.86
C MET A 311 27.82 -1.74 10.34
N THR A 312 28.29 -2.95 10.56
CA THR A 312 28.50 -3.49 11.89
C THR A 312 29.60 -2.73 12.65
N ARG A 313 30.71 -2.49 11.98
CA ARG A 313 31.82 -1.69 12.50
C ARG A 313 31.40 -0.27 12.95
N ALA A 314 30.43 0.33 12.27
CA ALA A 314 29.96 1.69 12.63
C ALA A 314 28.64 1.67 13.44
N HIS A 315 28.29 0.49 13.96
CA HIS A 315 27.15 0.30 14.85
C HIS A 315 25.84 0.70 14.15
N PHE A 316 25.68 0.32 12.90
CA PHE A 316 24.40 0.54 12.21
C PHE A 316 23.63 -0.78 12.20
N PRO A 317 22.41 -0.79 12.74
CA PRO A 317 21.60 -2.01 12.65
C PRO A 317 21.32 -2.39 11.19
N LEU A 318 21.31 -3.69 10.92
CA LEU A 318 20.99 -4.22 9.61
C LEU A 318 20.48 -5.65 9.76
N ASP A 319 19.20 -5.88 9.46
CA ASP A 319 18.64 -7.22 9.54
C ASP A 319 18.78 -8.02 8.29
N VAL A 320 18.72 -7.36 7.13
CA VAL A 320 18.57 -8.08 5.87
C VAL A 320 19.47 -7.49 4.81
N GLN A 321 20.37 -8.32 4.26
CA GLN A 321 21.24 -7.92 3.15
C GLN A 321 20.58 -8.33 1.87
N TRP A 322 20.64 -7.47 0.85
CA TRP A 322 20.02 -7.78 -0.44
C TRP A 322 21.04 -7.76 -1.58
N ASN A 323 20.74 -8.49 -2.66
CA ASN A 323 21.39 -8.26 -3.95
C ASN A 323 20.35 -8.05 -5.06
N ASP A 324 20.75 -7.21 -6.01
CA ASP A 324 20.03 -6.96 -7.23
C ASP A 324 20.52 -7.97 -8.29
N LEU A 325 20.46 -7.62 -9.57
CA LEU A 325 20.83 -8.54 -10.68
C LEU A 325 22.23 -9.16 -10.60
N ASP A 326 23.11 -8.51 -9.84
CA ASP A 326 24.52 -8.87 -9.74
C ASP A 326 24.78 -10.35 -9.50
N TYR A 327 23.94 -11.01 -8.71
CA TYR A 327 24.20 -12.40 -8.31
C TYR A 327 24.01 -13.39 -9.46
N MET A 328 23.22 -13.03 -10.46
CA MET A 328 22.77 -13.99 -11.48
C MET A 328 23.87 -14.36 -12.45
N ASP A 329 23.68 -15.48 -13.11
CA ASP A 329 24.48 -15.85 -14.27
C ASP A 329 23.83 -15.31 -15.53
N SER A 330 24.45 -14.26 -16.10
CA SER A 330 23.95 -13.61 -17.31
C SER A 330 22.54 -13.09 -17.08
N ARG A 331 22.30 -12.57 -15.89
CA ARG A 331 21.02 -11.92 -15.55
C ARG A 331 19.80 -12.84 -15.68
N ARG A 332 19.96 -14.12 -15.34
CA ARG A 332 18.89 -15.10 -15.41
C ARG A 332 18.46 -15.55 -14.02
N ASP A 333 17.14 -15.62 -13.83
CA ASP A 333 16.54 -16.19 -12.64
C ASP A 333 17.08 -17.57 -12.33
N PHE A 334 17.19 -17.88 -11.03
CA PHE A 334 17.46 -19.24 -10.51
C PHE A 334 18.84 -19.73 -10.94
N THR A 335 19.76 -18.79 -11.10
CA THR A 335 21.18 -19.09 -11.33
C THR A 335 22.01 -18.13 -10.45
N PHE A 336 23.28 -18.47 -10.24
CA PHE A 336 24.25 -17.47 -9.75
C PHE A 336 25.57 -17.65 -10.50
N ASN A 337 26.25 -16.55 -10.84
CA ASN A 337 27.48 -16.63 -11.62
C ASN A 337 28.63 -17.20 -10.79
N LYS A 338 29.59 -17.80 -11.48
CA LYS A 338 30.68 -18.53 -10.83
C LYS A 338 31.99 -17.73 -10.85
N ASP A 339 31.86 -16.41 -10.92
CA ASP A 339 32.98 -15.51 -10.75
C ASP A 339 32.83 -14.81 -9.39
N GLY A 340 32.33 -13.58 -9.39
CA GLY A 340 32.03 -12.82 -8.17
C GLY A 340 31.13 -13.54 -7.19
N PHE A 341 30.21 -14.40 -7.68
CA PHE A 341 29.24 -15.05 -6.78
C PHE A 341 29.45 -16.56 -6.66
N ARG A 342 30.68 -17.00 -6.92
CA ARG A 342 31.05 -18.43 -6.84
C ARG A 342 30.65 -19.08 -5.52
N ASP A 343 30.81 -18.36 -4.41
CA ASP A 343 30.50 -18.88 -3.08
C ASP A 343 29.24 -18.22 -2.49
N PHE A 344 28.26 -18.00 -3.37
CA PHE A 344 26.97 -17.42 -2.98
C PHE A 344 26.31 -18.22 -1.84
N PRO A 345 26.28 -19.57 -1.93
CA PRO A 345 25.67 -20.31 -0.82
C PRO A 345 26.32 -20.03 0.54
N ALA A 346 27.64 -20.04 0.59
CA ALA A 346 28.31 -19.78 1.86
C ALA A 346 28.04 -18.40 2.41
N MET A 347 27.96 -17.39 1.54
CA MET A 347 27.70 -16.02 1.99
C MET A 347 26.36 -15.93 2.70
N VAL A 348 25.36 -16.62 2.15
CA VAL A 348 24.02 -16.58 2.70
C VAL A 348 23.95 -17.35 4.01
N GLN A 349 24.62 -18.50 4.09
CA GLN A 349 24.74 -19.27 5.33
C GLN A 349 25.43 -18.49 6.44
N GLU A 350 26.48 -17.76 6.10
CA GLU A 350 27.19 -16.91 7.05
C GLU A 350 26.27 -15.79 7.55
N LEU A 351 25.48 -15.21 6.66
CA LEU A 351 24.54 -14.16 7.08
C LEU A 351 23.60 -14.68 8.15
N HIS A 352 23.10 -15.88 7.93
CA HIS A 352 22.21 -16.55 8.88
C HIS A 352 22.92 -16.84 10.19
N GLN A 353 24.15 -17.34 10.11
CA GLN A 353 24.95 -17.60 11.30
C GLN A 353 25.09 -16.38 12.19
N GLY A 354 25.18 -15.20 11.58
CA GLY A 354 25.29 -13.95 12.32
C GLY A 354 23.95 -13.34 12.73
N GLY A 355 22.86 -14.04 12.45
CA GLY A 355 21.52 -13.58 12.85
C GLY A 355 20.80 -12.66 11.88
N ARG A 356 21.25 -12.64 10.61
CA ARG A 356 20.66 -11.77 9.58
C ARG A 356 19.90 -12.61 8.56
N ARG A 357 19.13 -11.95 7.70
CA ARG A 357 18.41 -12.59 6.60
C ARG A 357 18.95 -12.09 5.27
N TYR A 358 18.49 -12.72 4.19
CA TYR A 358 18.99 -12.45 2.85
C TYR A 358 17.82 -12.39 1.85
N MET A 359 17.78 -11.32 1.04
CA MET A 359 16.78 -11.12 -0.02
C MET A 359 17.46 -10.92 -1.36
N MET A 360 16.85 -11.43 -2.43
CA MET A 360 17.36 -11.15 -3.76
C MET A 360 16.27 -10.93 -4.79
N ILE A 361 16.66 -10.25 -5.87
CA ILE A 361 15.73 -9.89 -6.91
C ILE A 361 15.40 -11.13 -7.74
N VAL A 362 14.12 -11.24 -8.11
CA VAL A 362 13.63 -12.23 -9.04
C VAL A 362 12.76 -11.49 -10.06
N ASP A 363 12.97 -11.76 -11.34
CA ASP A 363 12.20 -11.14 -12.44
C ASP A 363 11.17 -12.19 -12.94
N PRO A 364 10.08 -11.75 -13.59
CA PRO A 364 9.14 -12.74 -14.13
C PRO A 364 9.60 -13.43 -15.41
N ALA A 365 10.20 -12.69 -16.34
CA ALA A 365 10.52 -13.23 -17.66
C ALA A 365 11.72 -14.18 -17.63
N ILE A 366 11.60 -15.28 -18.40
CA ILE A 366 12.55 -16.39 -18.34
C ILE A 366 13.30 -16.49 -19.67
N SER A 367 14.62 -16.53 -19.62
CA SER A 367 15.44 -16.50 -20.81
C SER A 367 15.12 -17.66 -21.74
N SER A 368 14.83 -17.35 -23.00
CA SER A 368 14.37 -18.35 -23.96
C SER A 368 15.39 -18.71 -25.05
N SER A 369 16.57 -18.10 -25.02
CA SER A 369 17.53 -18.18 -26.12
C SER A 369 18.67 -19.17 -25.91
N GLY A 370 18.75 -19.77 -24.73
CA GLY A 370 19.86 -20.65 -24.37
C GLY A 370 19.73 -21.95 -25.14
N PRO A 371 20.82 -22.72 -25.25
CA PRO A 371 20.63 -23.97 -25.99
C PRO A 371 19.62 -24.85 -25.29
N ALA A 372 18.86 -25.61 -26.07
CA ALA A 372 17.85 -26.49 -25.50
C ALA A 372 18.52 -27.46 -24.55
N GLY A 373 17.89 -27.67 -23.40
CA GLY A 373 18.43 -28.53 -22.37
C GLY A 373 19.47 -27.92 -21.44
N SER A 374 19.80 -26.64 -21.62
CA SER A 374 20.85 -25.99 -20.84
C SER A 374 20.32 -25.09 -19.73
N TYR A 375 19.01 -24.85 -19.68
CA TYR A 375 18.48 -23.89 -18.71
C TYR A 375 17.10 -24.32 -18.24
N ARG A 376 17.09 -25.00 -17.11
CA ARG A 376 15.94 -25.80 -16.70
C ARG A 376 14.67 -24.96 -16.55
N PRO A 377 14.76 -23.75 -15.98
CA PRO A 377 13.52 -23.01 -15.79
C PRO A 377 12.77 -22.76 -17.08
N TYR A 378 13.52 -22.44 -18.14
CA TYR A 378 12.94 -22.35 -19.47
C TYR A 378 12.54 -23.71 -20.00
N ASP A 379 13.44 -24.69 -19.96
CA ASP A 379 13.16 -25.98 -20.62
C ASP A 379 11.93 -26.66 -20.01
N GLU A 380 11.85 -26.69 -18.68
CA GLU A 380 10.69 -27.20 -17.95
C GLU A 380 9.45 -26.38 -18.19
N GLY A 381 9.59 -25.06 -18.23
CA GLY A 381 8.45 -24.18 -18.48
C GLY A 381 7.84 -24.47 -19.83
N LEU A 382 8.70 -24.76 -20.80
CA LEU A 382 8.28 -25.04 -22.16
C LEU A 382 7.48 -26.36 -22.19
N ARG A 383 8.06 -27.37 -21.55
CA ARG A 383 7.46 -28.71 -21.48
C ARG A 383 6.07 -28.67 -20.87
N ARG A 384 5.92 -27.90 -19.80
CA ARG A 384 4.70 -27.90 -19.02
C ARG A 384 3.69 -26.86 -19.48
N GLY A 385 4.06 -26.03 -20.45
CA GLY A 385 3.18 -25.02 -21.02
C GLY A 385 2.86 -23.86 -20.09
N VAL A 386 3.87 -23.34 -19.39
CA VAL A 386 3.65 -22.32 -18.35
C VAL A 386 3.60 -20.88 -18.84
N PHE A 387 3.94 -20.66 -20.10
CA PHE A 387 4.11 -19.32 -20.62
C PHE A 387 2.86 -18.76 -21.31
N ILE A 388 2.79 -17.43 -21.36
CA ILE A 388 1.79 -16.73 -22.12
C ILE A 388 2.12 -16.99 -23.58
N THR A 389 1.08 -17.26 -24.39
CA THR A 389 1.28 -17.61 -25.80
C THR A 389 0.59 -16.63 -26.75
N ASN A 390 0.96 -16.73 -28.03
CA ASN A 390 0.48 -15.85 -29.05
C ASN A 390 -0.52 -16.52 -29.97
N GLU A 391 -0.88 -15.82 -31.03
CA GLU A 391 -1.91 -16.22 -32.00
C GLU A 391 -1.73 -17.66 -32.47
N THR A 392 -0.50 -18.08 -32.71
CA THR A 392 -0.26 -19.40 -33.26
C THR A 392 -0.06 -20.45 -32.18
N GLY A 393 -0.09 -20.02 -30.92
CA GLY A 393 0.03 -20.92 -29.79
C GLY A 393 1.45 -21.08 -29.24
N GLN A 394 2.43 -20.35 -29.75
CA GLN A 394 3.80 -20.46 -29.24
C GLN A 394 4.02 -19.42 -28.16
N PRO A 395 5.07 -19.57 -27.36
CA PRO A 395 5.34 -18.57 -26.33
C PRO A 395 5.57 -17.17 -26.93
N LEU A 396 4.94 -16.17 -26.34
CA LEU A 396 5.24 -14.79 -26.70
C LEU A 396 6.65 -14.51 -26.21
N ILE A 397 7.52 -14.08 -27.13
CA ILE A 397 8.91 -13.74 -26.79
C ILE A 397 9.11 -12.22 -26.80
N GLY A 398 9.55 -11.67 -25.66
CA GLY A 398 9.87 -10.25 -25.52
C GLY A 398 11.35 -10.09 -25.21
N LYS A 399 11.74 -8.92 -24.72
CA LYS A 399 13.13 -8.62 -24.31
C LYS A 399 13.15 -8.07 -22.90
N VAL A 400 13.94 -8.71 -22.04
CA VAL A 400 14.23 -8.12 -20.74
C VAL A 400 15.72 -8.35 -20.43
N TRP A 401 16.10 -8.36 -19.17
CA TRP A 401 17.54 -8.37 -18.83
C TRP A 401 18.39 -9.46 -19.49
N PRO A 402 17.90 -10.72 -19.55
CA PRO A 402 18.81 -11.71 -20.13
C PRO A 402 18.86 -11.68 -21.64
N GLY A 403 17.98 -10.92 -22.29
CA GLY A 403 17.79 -10.95 -23.73
C GLY A 403 16.36 -11.41 -24.02
N SER A 404 16.20 -12.27 -25.03
CA SER A 404 14.89 -12.80 -25.40
C SER A 404 14.32 -13.57 -24.22
N THR A 405 13.05 -13.34 -23.91
CA THR A 405 12.40 -14.01 -22.80
C THR A 405 10.96 -14.35 -23.07
N ALA A 406 10.50 -15.44 -22.45
CA ALA A 406 9.09 -15.78 -22.39
C ALA A 406 8.54 -15.34 -21.04
N PHE A 407 7.23 -15.20 -20.97
CA PHE A 407 6.57 -14.61 -19.81
C PHE A 407 5.63 -15.62 -19.15
N PRO A 408 5.94 -16.00 -17.89
CA PRO A 408 5.05 -16.93 -17.23
C PRO A 408 3.61 -16.42 -17.11
N ASP A 409 2.68 -17.36 -17.25
CA ASP A 409 1.25 -17.09 -17.05
C ASP A 409 0.82 -17.52 -15.64
N PHE A 410 0.79 -16.57 -14.70
CA PHE A 410 0.48 -16.91 -13.31
C PHE A 410 -1.01 -17.15 -13.04
N THR A 411 -1.85 -17.24 -14.09
CA THR A 411 -3.25 -17.71 -13.96
C THR A 411 -3.37 -19.19 -14.31
N ASN A 412 -2.28 -19.79 -14.79
CA ASN A 412 -2.25 -21.19 -15.16
C ASN A 412 -1.81 -22.02 -13.95
N PRO A 413 -2.66 -22.94 -13.46
CA PRO A 413 -2.28 -23.75 -12.28
C PRO A 413 -0.96 -24.46 -12.43
N THR A 414 -0.65 -24.88 -13.66
CA THR A 414 0.62 -25.59 -13.91
C THR A 414 1.82 -24.66 -13.73
N ALA A 415 1.71 -23.41 -14.17
CA ALA A 415 2.74 -22.42 -13.94
C ALA A 415 2.92 -22.13 -12.44
N LEU A 416 1.86 -22.22 -11.66
CA LEU A 416 2.00 -22.03 -10.22
C LEU A 416 2.88 -23.13 -9.65
N ALA A 417 2.62 -24.36 -10.07
CA ALA A 417 3.39 -25.50 -9.60
C ALA A 417 4.84 -25.44 -10.07
N TRP A 418 5.06 -25.01 -11.32
CA TRP A 418 6.42 -24.84 -11.85
C TRP A 418 7.20 -23.74 -11.08
N TRP A 419 6.52 -22.64 -10.75
CA TRP A 419 7.16 -21.55 -9.99
C TRP A 419 7.55 -22.04 -8.60
N GLU A 420 6.65 -22.79 -7.96
CA GLU A 420 6.94 -23.44 -6.68
C GLU A 420 8.20 -24.31 -6.75
N ASP A 421 8.25 -25.16 -7.78
CA ASP A 421 9.42 -26.01 -8.01
C ASP A 421 10.72 -25.22 -8.23
N MET A 422 10.70 -24.22 -9.10
CA MET A 422 11.92 -23.43 -9.39
C MET A 422 12.45 -22.71 -8.14
N VAL A 423 11.52 -22.15 -7.37
CA VAL A 423 11.87 -21.48 -6.13
C VAL A 423 12.42 -22.48 -5.10
N ALA A 424 11.79 -23.63 -4.96
CA ALA A 424 12.24 -24.62 -3.99
C ALA A 424 13.62 -25.13 -4.37
N GLU A 425 13.81 -25.44 -5.66
CA GLU A 425 15.12 -25.94 -6.15
C GLU A 425 16.23 -24.91 -5.98
N PHE A 426 15.92 -23.62 -6.22
CA PHE A 426 16.97 -22.61 -6.07
C PHE A 426 17.25 -22.46 -4.58
N HIS A 427 16.20 -22.51 -3.75
CA HIS A 427 16.36 -22.37 -2.30
C HIS A 427 17.19 -23.51 -1.69
N ASP A 428 17.15 -24.70 -2.30
CA ASP A 428 18.04 -25.81 -1.90
C ASP A 428 19.53 -25.49 -2.15
N GLN A 429 19.81 -24.70 -3.18
CA GLN A 429 21.17 -24.24 -3.45
C GLN A 429 21.59 -23.03 -2.57
N VAL A 430 20.69 -22.05 -2.45
CA VAL A 430 20.96 -20.80 -1.72
C VAL A 430 19.76 -20.47 -0.81
N PRO A 431 19.93 -20.50 0.53
CA PRO A 431 18.72 -20.41 1.35
C PRO A 431 18.23 -18.96 1.60
N PHE A 432 17.74 -18.31 0.54
CA PHE A 432 17.23 -16.94 0.64
C PHE A 432 15.96 -16.94 1.50
N ASP A 433 15.63 -15.79 2.09
CA ASP A 433 14.54 -15.72 3.07
C ASP A 433 13.26 -15.05 2.57
N GLY A 434 13.29 -14.56 1.34
CA GLY A 434 12.12 -14.08 0.64
C GLY A 434 12.45 -13.73 -0.80
N MET A 435 11.53 -13.04 -1.47
CA MET A 435 11.70 -12.67 -2.86
C MET A 435 11.29 -11.20 -3.11
N TRP A 436 12.14 -10.49 -3.85
CA TRP A 436 11.91 -9.13 -4.31
C TRP A 436 11.53 -9.30 -5.77
N ILE A 437 10.24 -9.13 -6.06
CA ILE A 437 9.72 -9.38 -7.40
C ILE A 437 9.54 -8.05 -8.14
N ASP A 438 10.35 -7.91 -9.18
CA ASP A 438 10.51 -6.68 -9.95
C ASP A 438 9.97 -6.93 -11.37
N MET A 439 9.84 -5.84 -12.14
CA MET A 439 9.58 -5.88 -13.59
C MET A 439 8.29 -6.60 -13.93
N ASN A 440 7.32 -6.59 -13.02
CA ASN A 440 6.17 -7.49 -13.12
C ASN A 440 4.84 -6.80 -13.51
N GLU A 441 4.96 -5.79 -14.37
CA GLU A 441 3.83 -5.08 -14.92
C GLU A 441 3.01 -5.87 -15.93
N PRO A 442 3.63 -6.70 -16.82
CA PRO A 442 5.03 -7.06 -17.01
C PRO A 442 5.78 -6.09 -17.92
N SER A 443 7.01 -5.77 -17.52
CA SER A 443 7.83 -4.80 -18.24
C SER A 443 8.52 -5.48 -19.42
N ASN A 444 8.45 -4.83 -20.57
CA ASN A 444 9.02 -5.35 -21.82
C ASN A 444 9.91 -4.27 -22.41
N PHE A 445 11.13 -4.61 -22.75
CA PHE A 445 12.05 -3.63 -23.34
C PHE A 445 11.73 -3.29 -24.77
N ILE A 446 10.83 -4.04 -25.39
CA ILE A 446 10.40 -3.75 -26.75
C ILE A 446 8.87 -3.72 -26.74
N ARG A 447 8.28 -3.31 -27.86
CA ARG A 447 6.84 -3.11 -27.95
C ARG A 447 6.10 -4.42 -28.26
N GLY A 448 5.36 -4.94 -27.29
CA GLY A 448 4.52 -6.11 -27.50
C GLY A 448 5.27 -7.44 -27.52
N SER A 449 6.05 -7.66 -28.58
CA SER A 449 6.88 -8.86 -28.71
C SER A 449 7.88 -8.67 -29.81
N GLU A 450 8.85 -9.58 -29.88
CA GLU A 450 9.83 -9.61 -30.96
C GLU A 450 9.17 -9.63 -32.34
N ASP A 451 7.94 -10.13 -32.39
CA ASP A 451 7.24 -10.37 -33.63
C ASP A 451 6.09 -9.40 -33.77
N GLY A 452 6.12 -8.33 -32.98
CA GLY A 452 5.03 -7.35 -32.98
C GLY A 452 3.75 -7.96 -32.41
N CYS A 453 2.63 -7.37 -32.76
CA CYS A 453 1.34 -7.87 -32.33
C CYS A 453 0.40 -7.82 -33.52
N PRO A 454 -0.61 -8.67 -33.54
CA PRO A 454 -1.52 -8.63 -34.67
C PRO A 454 -2.38 -7.39 -34.64
N ASN A 455 -3.10 -7.16 -35.72
CA ASN A 455 -4.09 -6.12 -35.78
C ASN A 455 -5.48 -6.67 -35.46
N ASN A 456 -5.97 -6.38 -34.25
CA ASN A 456 -7.32 -6.73 -33.83
C ASN A 456 -7.85 -5.72 -32.81
N GLU A 457 -9.10 -5.92 -32.40
CA GLU A 457 -9.81 -5.01 -31.49
C GLU A 457 -9.22 -4.90 -30.08
N LEU A 458 -8.50 -5.94 -29.66
CA LEU A 458 -7.88 -5.93 -28.34
C LEU A 458 -6.61 -5.07 -28.34
N GLU A 459 -5.83 -5.15 -29.41
CA GLU A 459 -4.61 -4.31 -29.54
C GLU A 459 -4.97 -2.86 -29.92
N ASN A 460 -6.04 -2.69 -30.68
CA ASN A 460 -6.49 -1.38 -31.19
C ASN A 460 -7.95 -1.13 -30.79
N PRO A 461 -8.21 -0.91 -29.49
CA PRO A 461 -9.58 -0.87 -28.98
C PRO A 461 -10.23 0.48 -29.28
N PRO A 462 -11.57 0.57 -29.21
CA PRO A 462 -12.23 1.80 -29.62
C PRO A 462 -11.98 2.98 -28.68
N TYR A 463 -11.60 2.69 -27.44
CA TYR A 463 -11.20 3.70 -26.49
C TYR A 463 -9.90 3.30 -25.85
N VAL A 464 -8.88 4.13 -26.02
CA VAL A 464 -7.58 3.92 -25.35
C VAL A 464 -7.46 4.89 -24.19
N PRO A 465 -7.40 4.39 -22.94
CA PRO A 465 -7.20 5.27 -21.79
C PRO A 465 -5.89 6.07 -21.90
N GLY A 466 -5.71 7.05 -21.01
CA GLY A 466 -4.63 8.02 -21.15
C GLY A 466 -3.28 7.46 -20.70
N VAL A 467 -2.91 6.31 -21.24
CA VAL A 467 -1.66 5.64 -20.86
C VAL A 467 -0.46 6.33 -21.46
N VAL A 468 0.67 6.27 -20.76
CA VAL A 468 1.91 6.77 -21.34
C VAL A 468 2.20 5.95 -22.60
N GLY A 469 2.57 6.62 -23.69
CA GLY A 469 2.83 5.98 -24.95
C GLY A 469 1.62 5.89 -25.86
N GLY A 470 0.40 6.07 -25.33
CA GLY A 470 -0.79 6.12 -26.16
C GLY A 470 -1.27 4.80 -26.73
N THR A 471 -0.71 3.70 -26.24
CA THR A 471 -1.12 2.33 -26.61
C THR A 471 -1.00 1.38 -25.41
N LEU A 472 -1.88 0.39 -25.36
CA LEU A 472 -1.79 -0.68 -24.35
C LEU A 472 -0.52 -1.57 -24.45
N GLN A 473 0.11 -1.63 -25.63
CA GLN A 473 1.33 -2.43 -25.86
C GLN A 473 2.62 -1.77 -25.34
N ALA A 474 2.60 -0.46 -25.11
CA ALA A 474 3.84 0.26 -24.80
C ALA A 474 4.50 -0.27 -23.52
N ALA A 475 5.79 -0.58 -23.63
CA ALA A 475 6.60 -1.12 -22.53
C ALA A 475 6.07 -2.42 -21.92
N THR A 476 5.21 -3.13 -22.67
CA THR A 476 4.68 -4.39 -22.16
C THR A 476 4.39 -5.39 -23.27
N ILE A 477 3.57 -6.40 -22.99
CA ILE A 477 3.33 -7.47 -23.99
C ILE A 477 2.03 -7.24 -24.76
N CYS A 478 1.84 -7.96 -25.87
CA CYS A 478 0.62 -7.85 -26.65
C CYS A 478 -0.64 -8.08 -25.80
N ALA A 479 -1.64 -7.22 -26.00
CA ALA A 479 -2.92 -7.29 -25.31
C ALA A 479 -3.74 -8.51 -25.68
N SER A 480 -3.59 -8.99 -26.91
CA SER A 480 -4.34 -10.18 -27.35
C SER A 480 -3.61 -11.49 -27.09
N SER A 481 -2.48 -11.43 -26.39
CA SER A 481 -1.81 -12.66 -25.99
C SER A 481 -2.70 -13.49 -25.07
N HIS A 482 -2.43 -14.80 -25.02
CA HIS A 482 -3.31 -15.77 -24.37
C HIS A 482 -2.80 -16.20 -23.00
N GLN A 483 -3.65 -16.05 -21.99
CA GLN A 483 -3.45 -16.66 -20.68
C GLN A 483 -4.55 -17.68 -20.38
N PHE A 484 -4.30 -18.50 -19.36
CA PHE A 484 -5.21 -19.59 -18.99
C PHE A 484 -6.63 -19.10 -18.71
N LEU A 485 -6.76 -18.00 -17.96
CA LEU A 485 -8.10 -17.51 -17.59
C LEU A 485 -8.74 -16.64 -18.65
N SER A 486 -7.93 -15.94 -19.43
CA SER A 486 -8.44 -15.00 -20.40
C SER A 486 -7.27 -14.42 -21.19
N THR A 487 -7.55 -13.41 -22.01
CA THR A 487 -6.50 -12.66 -22.71
C THR A 487 -5.81 -11.70 -21.76
N HIS A 488 -4.62 -11.28 -22.18
CA HIS A 488 -3.84 -10.32 -21.43
C HIS A 488 -4.55 -8.97 -21.29
N TYR A 489 -5.35 -8.61 -22.29
CA TYR A 489 -6.17 -7.41 -22.26
C TYR A 489 -6.92 -7.27 -20.96
N ASN A 490 -7.55 -8.35 -20.53
CA ASN A 490 -8.33 -8.36 -19.31
C ASN A 490 -7.49 -8.54 -18.05
N LEU A 491 -6.38 -9.28 -18.17
CA LEU A 491 -5.58 -9.74 -16.99
C LEU A 491 -4.34 -8.93 -16.69
N HIS A 492 -3.97 -8.03 -17.59
CA HIS A 492 -2.74 -7.25 -17.45
C HIS A 492 -2.55 -6.64 -16.07
N ASN A 493 -3.57 -5.94 -15.54
CA ASN A 493 -3.43 -5.27 -14.26
C ASN A 493 -3.28 -6.23 -13.08
N LEU A 494 -3.52 -7.52 -13.32
CA LEU A 494 -3.31 -8.57 -12.30
C LEU A 494 -1.95 -9.29 -12.40
N TYR A 495 -1.14 -8.96 -13.39
CA TYR A 495 0.07 -9.76 -13.62
C TYR A 495 0.93 -9.81 -12.37
N GLY A 496 1.18 -8.63 -11.79
CA GLY A 496 2.02 -8.51 -10.61
C GLY A 496 1.42 -9.21 -9.43
N LEU A 497 0.14 -8.94 -9.19
CA LEU A 497 -0.62 -9.58 -8.13
C LEU A 497 -0.55 -11.11 -8.21
N THR A 498 -0.84 -11.66 -9.40
CA THR A 498 -0.80 -13.13 -9.55
C THR A 498 0.61 -13.70 -9.32
N GLU A 499 1.63 -12.99 -9.77
CA GLU A 499 3.00 -13.39 -9.43
C GLU A 499 3.25 -13.34 -7.90
N ALA A 500 2.70 -12.34 -7.23
CA ALA A 500 2.87 -12.21 -5.78
C ALA A 500 2.19 -13.35 -5.07
N ILE A 501 1.00 -13.73 -5.57
CA ILE A 501 0.28 -14.88 -5.00
C ILE A 501 1.12 -16.14 -5.18
N ALA A 502 1.63 -16.36 -6.39
CA ALA A 502 2.44 -17.56 -6.67
C ALA A 502 3.71 -17.65 -5.83
N SER A 503 4.33 -16.49 -5.58
CA SER A 503 5.58 -16.41 -4.84
C SER A 503 5.35 -16.62 -3.35
N HIS A 504 4.24 -16.09 -2.85
CA HIS A 504 3.82 -16.28 -1.47
C HIS A 504 3.68 -17.79 -1.17
N ARG A 505 2.91 -18.48 -2.01
CA ARG A 505 2.76 -19.93 -1.88
C ARG A 505 4.08 -20.68 -2.04
N ALA A 506 4.89 -20.30 -3.02
CA ALA A 506 6.18 -20.98 -3.25
C ALA A 506 7.07 -20.88 -2.02
N LEU A 507 7.03 -19.73 -1.36
CA LEU A 507 7.88 -19.47 -0.19
C LEU A 507 7.38 -20.17 1.06
N VAL A 508 6.08 -20.23 1.24
CA VAL A 508 5.47 -21.03 2.31
C VAL A 508 5.97 -22.49 2.18
N LYS A 509 5.85 -23.06 0.98
CA LYS A 509 6.22 -24.45 0.75
C LYS A 509 7.71 -24.68 0.86
N ALA A 510 8.52 -23.75 0.37
CA ALA A 510 9.97 -23.93 0.40
C ALA A 510 10.56 -23.81 1.81
N ARG A 511 10.03 -22.90 2.64
CA ARG A 511 10.69 -22.55 3.92
C ARG A 511 9.92 -22.97 5.18
N GLY A 512 8.61 -23.12 5.05
CA GLY A 512 7.74 -23.51 6.19
C GLY A 512 7.46 -22.42 7.23
N THR A 513 7.84 -21.19 6.94
CA THR A 513 7.58 -20.07 7.84
C THR A 513 6.98 -18.96 7.01
N ARG A 514 6.61 -17.86 7.66
CA ARG A 514 5.97 -16.73 6.98
C ARG A 514 6.76 -16.23 5.78
N PRO A 515 6.07 -16.02 4.64
CA PRO A 515 6.71 -15.47 3.48
C PRO A 515 6.95 -13.95 3.53
N PHE A 516 8.02 -13.51 2.88
CA PHE A 516 8.31 -12.09 2.76
C PHE A 516 8.49 -11.74 1.28
N VAL A 517 7.44 -11.19 0.67
CA VAL A 517 7.46 -10.83 -0.75
C VAL A 517 7.32 -9.33 -0.89
N ILE A 518 8.26 -8.69 -1.60
CA ILE A 518 8.16 -7.24 -1.95
C ILE A 518 8.00 -7.05 -3.46
N SER A 519 6.91 -6.41 -3.89
CA SER A 519 6.56 -6.39 -5.31
C SER A 519 6.48 -4.98 -5.85
N ARG A 520 6.86 -4.83 -7.12
CA ARG A 520 6.73 -3.52 -7.78
C ARG A 520 5.30 -3.31 -8.24
N SER A 521 4.81 -4.19 -9.11
CA SER A 521 3.45 -4.05 -9.61
C SER A 521 2.44 -4.65 -8.64
N THR A 522 1.28 -4.00 -8.53
CA THR A 522 0.25 -4.45 -7.60
C THR A 522 -1.14 -4.22 -8.19
N PHE A 523 -2.14 -4.86 -7.58
CA PHE A 523 -3.57 -4.60 -7.84
C PHE A 523 -4.26 -4.66 -6.48
N ALA A 524 -5.50 -4.18 -6.43
CA ALA A 524 -6.34 -4.25 -5.24
C ALA A 524 -6.30 -5.65 -4.65
N GLY A 525 -6.09 -5.71 -3.34
CA GLY A 525 -5.99 -6.98 -2.64
C GLY A 525 -4.58 -7.49 -2.52
N HIS A 526 -3.62 -6.80 -3.12
CA HIS A 526 -2.18 -7.17 -3.06
C HIS A 526 -1.68 -7.38 -1.63
N GLY A 527 -2.13 -6.54 -0.72
CA GLY A 527 -1.64 -6.60 0.68
C GLY A 527 -1.87 -7.89 1.42
N ARG A 528 -2.88 -8.64 1.01
CA ARG A 528 -3.12 -9.98 1.56
C ARG A 528 -1.92 -10.93 1.36
N TYR A 529 -1.05 -10.66 0.39
CA TYR A 529 0.04 -11.58 0.04
C TYR A 529 1.43 -10.97 0.15
N ALA A 530 1.56 -9.64 0.10
CA ALA A 530 2.87 -9.04 -0.10
C ALA A 530 2.93 -7.58 0.25
N GLY A 531 4.15 -7.05 0.23
CA GLY A 531 4.36 -5.63 0.38
C GLY A 531 4.77 -4.99 -0.93
N HIS A 532 5.14 -3.72 -0.87
CA HIS A 532 5.40 -2.93 -2.07
C HIS A 532 6.45 -1.86 -1.79
N TRP A 533 7.27 -1.57 -2.78
CA TRP A 533 8.06 -0.34 -2.75
C TRP A 533 7.74 0.54 -3.97
N THR A 534 7.99 1.82 -3.84
CA THR A 534 7.43 2.80 -4.76
C THR A 534 8.20 2.95 -6.07
N GLY A 535 9.27 2.18 -6.24
CA GLY A 535 9.96 2.11 -7.52
C GLY A 535 11.05 3.15 -7.67
N ASP A 536 11.28 3.59 -8.91
CA ASP A 536 12.48 4.32 -9.27
C ASP A 536 12.38 5.81 -9.01
N VAL A 537 12.28 6.17 -7.74
CA VAL A 537 12.20 7.55 -7.34
C VAL A 537 13.59 8.19 -7.44
N TRP A 538 13.62 9.45 -7.85
CA TRP A 538 14.86 10.23 -7.86
C TRP A 538 15.34 10.63 -6.47
N SER A 539 16.65 10.79 -6.31
CA SER A 539 17.21 11.32 -5.07
C SER A 539 17.02 12.84 -5.05
N SER A 540 15.79 13.27 -4.83
CA SER A 540 15.43 14.67 -4.83
C SER A 540 14.59 14.98 -3.62
N TRP A 541 14.58 16.25 -3.23
CA TRP A 541 13.77 16.72 -2.10
C TRP A 541 12.27 16.58 -2.41
N GLU A 542 11.94 16.83 -3.66
CA GLU A 542 10.60 16.66 -4.19
C GLU A 542 10.07 15.22 -3.97
N GLN A 543 10.90 14.23 -4.28
CA GLN A 543 10.47 12.82 -4.17
C GLN A 543 10.44 12.39 -2.72
N LEU A 544 11.40 12.86 -1.90
CA LEU A 544 11.28 12.65 -0.46
C LEU A 544 9.90 13.10 0.05
N ALA A 545 9.53 14.34 -0.27
CA ALA A 545 8.24 14.84 0.20
C ALA A 545 7.05 14.03 -0.38
N SER A 546 7.10 13.71 -1.67
CA SER A 546 6.03 12.93 -2.32
C SER A 546 5.89 11.49 -1.77
N SER A 547 6.94 10.99 -1.13
CA SER A 547 6.86 9.64 -0.58
C SER A 547 5.90 9.57 0.57
N VAL A 548 5.63 10.69 1.25
CA VAL A 548 4.75 10.63 2.42
C VAL A 548 3.31 10.32 1.96
N PRO A 549 2.73 11.15 1.08
CA PRO A 549 1.37 10.81 0.60
C PRO A 549 1.29 9.39 0.01
N GLU A 550 2.34 8.95 -0.68
CA GLU A 550 2.26 7.67 -1.36
C GLU A 550 2.27 6.48 -0.40
N ILE A 551 3.10 6.56 0.64
CA ILE A 551 3.12 5.54 1.67
C ILE A 551 1.77 5.51 2.39
N LEU A 552 1.22 6.68 2.66
CA LEU A 552 -0.11 6.76 3.30
C LEU A 552 -1.22 6.15 2.42
N GLN A 553 -1.18 6.46 1.14
CA GLN A 553 -2.15 5.94 0.19
C GLN A 553 -2.19 4.42 0.18
N PHE A 554 -1.03 3.78 0.20
CA PHE A 554 -0.95 2.32 0.14
C PHE A 554 -1.44 1.69 1.42
N ASN A 555 -1.26 2.38 2.53
CA ASN A 555 -1.87 1.94 3.78
C ASN A 555 -3.39 1.99 3.71
N LEU A 556 -3.95 3.06 3.14
CA LEU A 556 -5.43 3.11 2.93
C LEU A 556 -5.93 1.97 2.02
N LEU A 557 -5.07 1.53 1.10
CA LEU A 557 -5.40 0.44 0.17
C LEU A 557 -5.06 -0.97 0.68
N GLY A 558 -4.66 -1.06 1.94
CA GLY A 558 -4.44 -2.35 2.57
C GLY A 558 -3.10 -2.97 2.25
N VAL A 559 -2.12 -2.13 1.91
CA VAL A 559 -0.75 -2.59 1.66
C VAL A 559 0.17 -1.84 2.61
N PRO A 560 0.04 -2.15 3.90
CA PRO A 560 0.80 -1.42 4.91
C PRO A 560 2.32 -1.64 4.89
N LEU A 561 2.76 -2.78 4.38
CA LEU A 561 4.20 -3.01 4.21
C LEU A 561 4.64 -2.30 2.92
N VAL A 562 4.91 -1.01 3.05
CA VAL A 562 5.25 -0.17 1.90
C VAL A 562 6.31 0.83 2.30
N GLY A 563 7.14 1.22 1.33
CA GLY A 563 8.10 2.31 1.54
C GLY A 563 8.72 2.75 0.23
N ALA A 564 9.55 3.77 0.29
CA ALA A 564 10.33 4.18 -0.84
C ALA A 564 11.80 3.87 -0.54
N ASP A 565 12.59 3.83 -1.59
CA ASP A 565 14.03 3.62 -1.49
C ASP A 565 14.64 4.78 -0.72
N VAL A 566 15.13 4.48 0.48
CA VAL A 566 15.66 5.50 1.38
C VAL A 566 16.92 6.15 0.79
N CYS A 567 16.92 7.48 0.83
CA CYS A 567 17.85 8.36 0.11
C CYS A 567 17.65 8.46 -1.42
N GLY A 568 16.63 7.79 -1.95
CA GLY A 568 16.34 7.83 -3.38
C GLY A 568 17.14 6.80 -4.17
N PHE A 569 16.56 6.35 -5.27
CA PHE A 569 17.16 5.35 -6.16
C PHE A 569 17.97 5.99 -7.28
N LEU A 570 17.31 6.74 -8.16
CA LEU A 570 17.99 7.33 -9.32
C LEU A 570 18.82 8.53 -8.90
N GLY A 571 19.84 8.85 -9.69
CA GLY A 571 20.71 10.01 -9.44
C GLY A 571 21.59 9.88 -8.21
N ASN A 572 22.19 10.99 -7.81
CA ASN A 572 23.08 11.00 -6.67
C ASN A 572 22.44 11.74 -5.52
N THR A 573 22.40 11.09 -4.36
CA THR A 573 21.87 11.72 -3.16
C THR A 573 22.93 12.68 -2.65
N SER A 574 22.51 13.66 -1.85
CA SER A 574 23.40 14.48 -1.08
C SER A 574 23.37 14.02 0.38
N GLU A 575 24.36 14.43 1.15
CA GLU A 575 24.45 14.03 2.53
C GLU A 575 23.24 14.57 3.34
N GLU A 576 22.93 15.85 3.16
CA GLU A 576 21.78 16.44 3.82
C GLU A 576 20.47 15.72 3.45
N LEU A 577 20.29 15.42 2.17
CA LEU A 577 19.08 14.73 1.73
C LEU A 577 19.01 13.34 2.37
N CYS A 578 20.14 12.65 2.45
CA CYS A 578 20.12 11.26 2.96
C CYS A 578 19.92 11.25 4.49
N VAL A 579 20.32 12.30 5.21
CA VAL A 579 19.96 12.41 6.64
C VAL A 579 18.45 12.57 6.83
N ARG A 580 17.87 13.52 6.11
CA ARG A 580 16.44 13.79 6.19
C ARG A 580 15.62 12.60 5.68
N TRP A 581 16.10 11.94 4.61
CA TRP A 581 15.40 10.77 4.06
C TRP A 581 15.52 9.56 5.00
N THR A 582 16.67 9.39 5.65
CA THR A 582 16.84 8.32 6.63
C THR A 582 15.96 8.58 7.87
N GLN A 583 15.87 9.84 8.26
CA GLN A 583 14.99 10.22 9.36
C GLN A 583 13.54 9.90 9.09
N LEU A 584 13.01 10.36 7.94
CA LEU A 584 11.61 10.10 7.61
C LEU A 584 11.41 8.61 7.30
N GLY A 585 12.32 8.06 6.50
CA GLY A 585 12.22 6.67 6.06
C GLY A 585 12.27 5.62 7.17
N ALA A 586 12.87 5.97 8.31
CA ALA A 586 12.77 5.12 9.50
C ALA A 586 11.36 4.96 10.01
N PHE A 587 10.45 5.79 9.50
CA PHE A 587 9.01 5.61 9.74
C PHE A 587 8.19 5.07 8.55
N TYR A 588 8.86 4.70 7.46
CA TYR A 588 8.21 3.85 6.45
C TYR A 588 8.02 2.49 7.13
N PRO A 589 6.80 1.91 7.07
CA PRO A 589 6.67 0.57 7.60
C PRO A 589 7.63 -0.48 6.97
N PHE A 590 7.93 -0.37 5.68
CA PHE A 590 9.02 -1.15 5.04
C PHE A 590 10.20 -0.20 4.77
N MET A 591 11.33 -0.45 5.43
CA MET A 591 12.48 0.46 5.38
C MET A 591 13.70 -0.17 4.71
N ARG A 592 13.94 0.24 3.47
CA ARG A 592 15.04 -0.22 2.67
C ARG A 592 15.71 0.95 1.97
N ASN A 593 17.03 1.00 2.05
CA ASN A 593 17.86 1.91 1.29
C ASN A 593 18.36 1.10 0.12
N HIS A 594 18.08 1.59 -1.09
CA HIS A 594 18.42 0.94 -2.36
C HIS A 594 18.87 2.04 -3.30
N ASN A 595 19.70 1.70 -4.29
CA ASN A 595 20.48 2.68 -5.05
C ASN A 595 20.75 2.11 -6.45
N SER A 596 20.80 2.97 -7.45
CA SER A 596 20.99 2.50 -8.83
C SER A 596 22.45 2.26 -9.17
N LEU A 597 22.65 1.66 -10.33
CA LEU A 597 23.95 1.10 -10.72
C LEU A 597 25.06 2.14 -10.73
N LEU A 598 24.79 3.30 -11.31
CA LEU A 598 25.82 4.32 -11.56
C LEU A 598 25.86 5.41 -10.48
N SER A 599 24.97 5.33 -9.50
CA SER A 599 24.91 6.35 -8.45
C SER A 599 26.11 6.25 -7.49
N LEU A 600 26.43 7.37 -6.85
CA LEU A 600 27.38 7.40 -5.75
C LEU A 600 26.81 6.62 -4.55
N PRO A 601 27.70 6.07 -3.69
CA PRO A 601 27.23 5.26 -2.59
C PRO A 601 26.40 6.06 -1.60
N GLN A 602 25.42 5.41 -0.99
CA GLN A 602 24.58 6.07 0.00
C GLN A 602 24.30 5.19 1.22
N GLU A 603 25.16 4.20 1.48
CA GLU A 603 25.04 3.44 2.73
C GLU A 603 25.33 4.37 3.91
N PRO A 604 24.70 4.12 5.07
CA PRO A 604 24.90 5.00 6.21
C PRO A 604 26.35 5.25 6.61
N TYR A 605 27.21 4.23 6.49
CA TYR A 605 28.63 4.36 6.85
C TYR A 605 29.45 5.15 5.84
N SER A 606 28.88 5.49 4.67
CA SER A 606 29.58 6.23 3.62
C SER A 606 29.58 7.77 3.80
N PHE A 607 28.96 8.27 4.87
CA PHE A 607 28.84 9.74 5.10
C PHE A 607 29.74 10.28 6.23
N SER A 608 29.71 11.59 6.45
CA SER A 608 30.49 12.22 7.50
C SER A 608 30.01 11.77 8.88
N GLU A 609 30.83 12.00 9.90
CA GLU A 609 30.54 11.57 11.26
C GLU A 609 29.22 12.13 11.81
N PRO A 610 29.01 13.45 11.68
CA PRO A 610 27.73 13.98 12.15
C PRO A 610 26.54 13.34 11.44
N ALA A 611 26.65 13.13 10.14
CA ALA A 611 25.56 12.52 9.37
C ALA A 611 25.34 11.06 9.82
N GLN A 612 26.43 10.33 9.97
CA GLN A 612 26.37 8.98 10.56
C GLN A 612 25.64 8.96 11.89
N GLN A 613 25.97 9.91 12.77
CA GLN A 613 25.33 9.98 14.07
C GLN A 613 23.81 10.16 13.94
N ALA A 614 23.38 11.02 13.03
CA ALA A 614 21.94 11.25 12.83
C ALA A 614 21.23 10.04 12.25
N MET A 615 21.89 9.36 11.31
CA MET A 615 21.34 8.16 10.69
C MET A 615 21.26 7.02 11.73
N ARG A 616 22.32 6.87 12.53
CA ARG A 616 22.33 5.89 13.60
C ARG A 616 21.21 6.15 14.62
N LYS A 617 20.99 7.42 14.96
CA LYS A 617 19.91 7.75 15.86
C LYS A 617 18.55 7.32 15.27
N ALA A 618 18.33 7.59 13.99
CA ALA A 618 17.08 7.19 13.31
C ALA A 618 16.85 5.68 13.39
N LEU A 619 17.87 4.91 13.05
CA LEU A 619 17.78 3.45 13.07
C LEU A 619 17.56 2.91 14.47
N THR A 620 18.26 3.50 15.45
CA THR A 620 18.14 3.08 16.83
C THR A 620 16.74 3.28 17.37
N LEU A 621 16.14 4.41 17.05
CA LEU A 621 14.78 4.67 17.50
C LEU A 621 13.78 3.68 16.86
N ARG A 622 13.92 3.42 15.57
CA ARG A 622 13.04 2.46 14.89
C ARG A 622 13.14 1.09 15.57
N TYR A 623 14.37 0.66 15.85
CA TYR A 623 14.59 -0.64 16.51
C TYR A 623 13.98 -0.64 17.90
N ALA A 624 14.12 0.47 18.64
CA ALA A 624 13.46 0.57 19.95
C ALA A 624 11.96 0.43 19.81
N LEU A 625 11.41 0.94 18.71
CA LEU A 625 9.95 0.93 18.50
C LEU A 625 9.37 -0.36 17.92
N LEU A 626 10.21 -1.34 17.63
CA LEU A 626 9.77 -2.50 16.85
C LEU A 626 8.67 -3.32 17.49
N PRO A 627 8.69 -3.51 18.83
CA PRO A 627 7.57 -4.23 19.42
C PRO A 627 6.21 -3.55 19.16
N HIS A 628 6.24 -2.22 19.09
CA HIS A 628 5.04 -1.43 18.87
C HIS A 628 4.67 -1.53 17.39
N LEU A 629 5.63 -1.33 16.49
CA LEU A 629 5.37 -1.47 15.03
C LEU A 629 4.78 -2.84 14.68
N TYR A 630 5.38 -3.89 15.23
CA TYR A 630 4.87 -5.24 15.07
C TYR A 630 3.41 -5.40 15.51
N THR A 631 3.06 -4.78 16.65
CA THR A 631 1.73 -4.87 17.20
C THR A 631 0.77 -4.15 16.26
N LEU A 632 1.22 -3.01 15.70
CA LEU A 632 0.42 -2.30 14.70
C LEU A 632 0.17 -3.16 13.46
N PHE A 633 1.18 -3.94 13.05
CA PHE A 633 0.98 -4.86 11.91
C PHE A 633 -0.01 -5.98 12.25
N HIS A 634 0.01 -6.42 13.50
CA HIS A 634 -0.96 -7.42 13.98
C HIS A 634 -2.36 -6.87 13.89
N GLN A 635 -2.54 -5.64 14.34
CA GLN A 635 -3.83 -4.99 14.22
C GLN A 635 -4.29 -4.86 12.76
N ALA A 636 -3.38 -4.55 11.85
CA ALA A 636 -3.67 -4.53 10.43
C ALA A 636 -4.16 -5.89 9.95
N HIS A 637 -3.40 -6.90 10.32
CA HIS A 637 -3.67 -8.27 9.91
C HIS A 637 -4.97 -8.87 10.49
N VAL A 638 -5.34 -8.56 11.74
CA VAL A 638 -6.58 -9.12 12.30
C VAL A 638 -7.80 -8.24 12.16
N ALA A 639 -7.61 -6.94 12.03
CA ALA A 639 -8.74 -6.02 12.07
C ALA A 639 -8.82 -5.04 10.88
N GLY A 640 -7.93 -5.17 9.89
CA GLY A 640 -7.95 -4.29 8.72
C GLY A 640 -7.59 -2.84 9.04
N GLU A 641 -6.76 -2.65 10.07
CA GLU A 641 -6.28 -1.32 10.43
C GLU A 641 -5.13 -0.91 9.53
N THR A 642 -4.89 0.40 9.47
CA THR A 642 -3.69 0.95 8.86
C THR A 642 -2.53 1.02 9.85
N VAL A 643 -1.29 1.00 9.36
CA VAL A 643 -0.08 1.07 10.18
C VAL A 643 0.42 2.52 10.15
N ALA A 644 0.78 2.99 8.96
CA ALA A 644 1.02 4.42 8.78
C ALA A 644 -0.28 5.01 8.27
N ARG A 645 -0.75 6.07 8.93
CA ARG A 645 -2.06 6.62 8.59
C ARG A 645 -2.05 8.15 8.58
N PRO A 646 -2.90 8.72 7.73
CA PRO A 646 -2.93 10.16 7.64
C PRO A 646 -3.66 10.76 8.83
N LEU A 647 -3.35 12.00 9.16
CA LEU A 647 -4.00 12.59 10.33
C LEU A 647 -5.53 12.52 10.19
N PHE A 648 -6.07 12.63 8.97
CA PHE A 648 -7.52 12.65 8.80
C PHE A 648 -8.20 11.32 9.14
N LEU A 649 -7.45 10.21 9.07
CA LEU A 649 -8.04 8.93 9.41
C LEU A 649 -8.28 8.86 10.90
N GLU A 650 -7.41 9.51 11.67
CA GLU A 650 -7.50 9.46 13.11
C GLU A 650 -8.33 10.61 13.70
N PHE A 651 -8.33 11.77 13.05
CA PHE A 651 -9.11 12.92 13.53
C PHE A 651 -9.99 13.50 12.41
N PRO A 652 -10.92 12.66 11.88
CA PRO A 652 -11.69 13.07 10.69
C PRO A 652 -12.66 14.22 10.95
N LYS A 653 -13.14 14.35 12.18
CA LYS A 653 -14.03 15.46 12.56
C LYS A 653 -13.30 16.79 12.69
N ASP A 654 -11.97 16.79 12.56
CA ASP A 654 -11.20 18.02 12.47
C ASP A 654 -10.84 18.26 10.99
N SER A 655 -11.62 19.12 10.34
CA SER A 655 -11.47 19.36 8.92
C SER A 655 -10.10 19.98 8.52
N SER A 656 -9.38 20.60 9.47
CA SER A 656 -8.03 21.07 9.18
C SER A 656 -7.04 19.91 8.90
N THR A 657 -7.38 18.66 9.25
CA THR A 657 -6.50 17.53 8.94
C THR A 657 -6.64 17.01 7.50
N TRP A 658 -7.73 17.37 6.83
CA TRP A 658 -8.12 16.73 5.57
C TRP A 658 -7.08 16.82 4.46
N THR A 659 -6.36 17.94 4.38
CA THR A 659 -5.34 18.14 3.31
C THR A 659 -3.90 17.92 3.77
N VAL A 660 -3.72 17.48 5.01
CA VAL A 660 -2.38 17.23 5.54
C VAL A 660 -1.86 15.88 5.03
N ASP A 661 -0.75 15.88 4.28
CA ASP A 661 -0.09 14.62 3.85
C ASP A 661 1.45 14.63 3.93
N HIS A 662 2.02 15.63 4.61
CA HIS A 662 3.47 15.72 4.86
C HIS A 662 3.81 15.49 6.34
N GLN A 663 2.78 15.11 7.10
CA GLN A 663 2.94 14.43 8.35
C GLN A 663 2.25 13.06 8.29
N LEU A 664 2.65 12.17 9.20
CA LEU A 664 2.05 10.85 9.32
C LEU A 664 1.95 10.40 10.76
N LEU A 665 0.95 9.56 11.00
CA LEU A 665 0.84 8.82 12.25
C LEU A 665 1.30 7.35 12.07
N TRP A 666 1.99 6.84 13.07
CA TRP A 666 2.02 5.42 13.30
C TRP A 666 0.88 5.14 14.27
N GLY A 667 -0.07 4.34 13.82
CA GLY A 667 -1.21 3.97 14.63
C GLY A 667 -1.98 5.21 15.06
N GLU A 668 -2.52 5.17 16.28
CA GLU A 668 -3.31 6.28 16.81
C GLU A 668 -2.47 7.36 17.48
N ALA A 669 -1.23 7.03 17.86
CA ALA A 669 -0.55 7.77 18.93
C ALA A 669 0.79 8.43 18.62
N LEU A 670 1.46 8.06 17.53
CA LEU A 670 2.80 8.61 17.23
C LEU A 670 2.75 9.51 15.99
N LEU A 671 2.99 10.80 16.19
CA LEU A 671 2.94 11.77 15.12
C LEU A 671 4.34 12.17 14.71
N ILE A 672 4.64 11.99 13.43
CA ILE A 672 5.94 12.26 12.84
C ILE A 672 5.82 13.45 11.90
N THR A 673 6.65 14.46 12.15
CA THR A 673 6.63 15.71 11.42
C THR A 673 8.02 15.98 10.83
N PRO A 674 8.28 15.44 9.62
CA PRO A 674 9.62 15.47 9.05
C PRO A 674 9.96 16.82 8.41
N VAL A 675 11.25 17.15 8.39
CA VAL A 675 11.75 18.19 7.51
C VAL A 675 11.89 17.56 6.11
N LEU A 676 11.33 18.22 5.11
CA LEU A 676 11.29 17.68 3.73
C LEU A 676 11.84 18.67 2.69
N GLN A 677 12.62 19.64 3.17
CA GLN A 677 13.23 20.64 2.30
C GLN A 677 14.67 20.86 2.75
N ALA A 678 15.52 21.19 1.80
CA ALA A 678 16.90 21.51 2.08
C ALA A 678 17.03 22.80 2.88
N GLY A 679 18.05 22.88 3.73
CA GLY A 679 18.41 24.12 4.40
C GLY A 679 17.49 24.56 5.54
N LYS A 680 16.57 23.69 5.96
CA LYS A 680 15.62 24.03 7.00
C LYS A 680 16.11 23.56 8.36
N ALA A 681 15.91 24.39 9.38
CA ALA A 681 16.25 24.05 10.74
C ALA A 681 15.01 24.08 11.63
N GLU A 682 13.85 24.21 11.02
CA GLU A 682 12.57 24.13 11.72
C GLU A 682 11.52 23.58 10.77
N VAL A 683 10.37 23.23 11.33
CA VAL A 683 9.25 22.67 10.57
C VAL A 683 7.92 23.04 11.23
N THR A 684 6.91 23.28 10.41
CA THR A 684 5.59 23.68 10.89
C THR A 684 4.62 22.53 10.58
N GLY A 685 4.00 21.98 11.61
CA GLY A 685 3.11 20.82 11.47
C GLY A 685 1.81 21.03 12.20
N TYR A 686 0.80 20.28 11.79
CA TYR A 686 -0.51 20.41 12.39
C TYR A 686 -0.59 19.50 13.60
N PHE A 687 -1.07 20.03 14.71
CA PHE A 687 -1.27 19.24 15.93
C PHE A 687 -2.75 19.23 16.28
N PRO A 688 -3.39 18.05 16.13
CA PRO A 688 -4.77 17.89 16.55
C PRO A 688 -4.95 18.16 18.04
N LEU A 689 -6.19 18.48 18.42
CA LEU A 689 -6.59 18.66 19.80
C LEU A 689 -6.02 17.58 20.71
N GLY A 690 -5.32 18.02 21.75
CA GLY A 690 -4.68 17.12 22.70
C GLY A 690 -3.31 17.59 23.18
N THR A 691 -2.74 16.80 24.08
CA THR A 691 -1.39 17.02 24.54
C THR A 691 -0.52 16.05 23.80
N TRP A 692 0.58 16.56 23.26
CA TRP A 692 1.54 15.76 22.53
C TRP A 692 2.93 15.86 23.15
N TYR A 693 3.44 14.75 23.65
CA TYR A 693 4.74 14.77 24.32
C TYR A 693 5.86 14.54 23.35
N ASP A 694 6.96 15.29 23.53
CA ASP A 694 8.13 15.10 22.71
C ASP A 694 8.77 13.77 23.10
N LEU A 695 8.84 12.86 22.11
CA LEU A 695 9.39 11.53 22.33
C LEU A 695 10.87 11.56 22.73
N GLN A 696 11.60 12.62 22.37
CA GLN A 696 12.99 12.76 22.83
C GLN A 696 13.11 12.78 24.36
N THR A 697 12.01 13.06 25.08
CA THR A 697 12.03 13.04 26.55
C THR A 697 11.92 11.65 27.16
N VAL A 698 11.79 10.63 26.32
CA VAL A 698 11.91 9.23 26.72
C VAL A 698 13.36 8.74 26.50
N PRO A 699 14.08 8.39 27.59
CA PRO A 699 15.46 7.90 27.42
C PRO A 699 15.59 6.62 26.59
N ILE A 700 16.26 6.73 25.44
CA ILE A 700 16.53 5.61 24.53
C ILE A 700 18.06 5.35 24.52
N GLU A 701 18.46 4.08 24.61
CA GLU A 701 19.88 3.69 24.69
C GLU A 701 20.55 3.63 23.30
N GLU A 715 10.91 21.99 24.34
CA GLU A 715 9.56 21.99 24.91
C GLU A 715 9.02 20.56 25.11
N PRO A 716 8.90 20.11 26.37
CA PRO A 716 8.57 18.71 26.65
C PRO A 716 7.17 18.27 26.16
N ALA A 717 6.22 19.21 26.09
CA ALA A 717 4.83 18.88 25.71
C ALA A 717 4.11 20.01 24.96
N ILE A 718 3.46 19.65 23.86
CA ILE A 718 2.65 20.60 23.10
C ILE A 718 1.21 20.41 23.52
N HIS A 719 0.58 21.49 23.99
CA HIS A 719 -0.83 21.45 24.38
C HIS A 719 -1.65 22.14 23.30
N SER A 720 -2.27 21.35 22.44
CA SER A 720 -2.86 21.89 21.22
C SER A 720 -4.37 21.99 21.33
N GLU A 721 -4.91 23.06 20.75
CA GLU A 721 -6.35 23.18 20.54
C GLU A 721 -6.78 22.67 19.15
N GLY A 722 -5.83 22.11 18.40
CA GLY A 722 -6.03 21.84 16.98
C GLY A 722 -5.50 23.05 16.22
N GLN A 723 -4.20 23.02 15.92
CA GLN A 723 -3.51 24.20 15.41
C GLN A 723 -2.17 23.83 14.83
N TRP A 724 -1.61 24.72 14.04
CA TRP A 724 -0.27 24.55 13.49
C TRP A 724 0.76 25.03 14.48
N VAL A 725 1.87 24.32 14.55
CA VAL A 725 2.94 24.62 15.49
C VAL A 725 4.25 24.56 14.75
N THR A 726 5.08 25.58 14.92
CA THR A 726 6.42 25.60 14.33
C THR A 726 7.39 24.98 15.34
N LEU A 727 8.20 24.03 14.89
CA LEU A 727 9.05 23.24 15.78
C LEU A 727 10.50 23.39 15.38
N PRO A 728 11.42 23.47 16.36
CA PRO A 728 12.83 23.37 16.04
C PRO A 728 13.12 22.01 15.43
N ALA A 729 13.95 22.00 14.39
CA ALA A 729 14.26 20.78 13.64
C ALA A 729 15.63 20.92 13.00
N PRO A 730 16.68 20.91 13.84
CA PRO A 730 18.02 20.94 13.26
C PRO A 730 18.33 19.64 12.53
N LEU A 731 19.42 19.63 11.78
CA LEU A 731 19.77 18.50 10.94
C LEU A 731 19.78 17.19 11.70
N ASP A 732 20.24 17.22 12.95
CA ASP A 732 20.28 16.01 13.78
C ASP A 732 18.92 15.49 14.27
N THR A 733 17.84 16.17 13.94
CA THR A 733 16.55 15.93 14.60
C THR A 733 15.39 15.65 13.65
N ILE A 734 14.52 14.75 14.07
CA ILE A 734 13.19 14.66 13.47
C ILE A 734 12.17 14.72 14.60
N ASN A 735 11.12 15.47 14.37
CA ASN A 735 10.09 15.63 15.37
C ASN A 735 9.12 14.45 15.39
N VAL A 736 9.01 13.85 16.58
CA VAL A 736 8.15 12.71 16.83
C VAL A 736 7.46 12.93 18.19
N HIS A 737 6.14 12.92 18.19
CA HIS A 737 5.41 13.25 19.40
C HIS A 737 4.45 12.12 19.70
N LEU A 738 4.27 11.86 20.99
CA LEU A 738 3.43 10.80 21.50
C LEU A 738 2.15 11.38 22.15
N ARG A 739 1.01 10.96 21.63
CA ARG A 739 -0.30 11.40 22.06
C ARG A 739 -0.60 10.99 23.52
N ALA A 740 -1.03 11.97 24.32
CA ALA A 740 -1.48 11.75 25.67
C ALA A 740 -2.66 10.79 25.67
N GLY A 741 -2.62 9.82 26.58
CA GLY A 741 -3.62 8.76 26.63
C GLY A 741 -3.13 7.41 26.11
N TYR A 742 -1.86 7.35 25.70
CA TYR A 742 -1.33 6.14 25.07
C TYR A 742 -0.05 5.62 25.72
N ILE A 743 0.08 4.28 25.72
CA ILE A 743 1.27 3.56 26.20
C ILE A 743 1.87 2.73 25.02
N ILE A 744 3.18 2.88 24.81
CA ILE A 744 3.96 2.29 23.74
C ILE A 744 4.96 1.31 24.37
N PRO A 745 4.97 0.02 23.92
CA PRO A 745 6.04 -0.88 24.33
C PRO A 745 7.30 -0.67 23.51
N LEU A 746 8.45 -0.76 24.17
CA LEU A 746 9.75 -0.57 23.55
C LEU A 746 10.66 -1.74 23.92
N GLN A 747 11.74 -1.92 23.18
CA GLN A 747 12.72 -2.96 23.51
C GLN A 747 14.14 -2.43 23.29
N GLY A 748 15.08 -3.00 24.05
CA GLY A 748 16.50 -2.60 24.02
C GLY A 748 17.18 -2.81 22.68
N PRO A 749 18.44 -2.33 22.54
CA PRO A 749 19.07 -2.24 21.21
C PRO A 749 19.67 -3.53 20.71
N GLY A 750 19.97 -3.56 19.41
CA GLY A 750 20.69 -4.64 18.78
C GLY A 750 21.04 -4.24 17.35
N LEU A 751 22.02 -4.89 16.74
CA LEU A 751 22.28 -4.63 15.34
C LEU A 751 21.41 -5.50 14.41
N THR A 752 20.66 -6.43 15.00
CA THR A 752 19.64 -7.23 14.31
C THR A 752 18.48 -7.49 15.27
N THR A 753 17.32 -7.85 14.71
CA THR A 753 16.16 -8.29 15.52
C THR A 753 16.41 -9.61 16.26
N THR A 754 17.33 -10.44 15.76
CA THR A 754 17.74 -11.63 16.50
C THR A 754 18.32 -11.23 17.87
N GLU A 755 19.20 -10.24 17.86
CA GLU A 755 19.74 -9.67 19.08
C GLU A 755 18.69 -8.83 19.88
N SER A 756 17.99 -7.91 19.20
CA SER A 756 17.11 -6.99 19.92
C SER A 756 15.95 -7.71 20.63
N ARG A 757 15.41 -8.76 20.00
CA ARG A 757 14.30 -9.51 20.60
C ARG A 757 14.64 -10.18 21.94
N GLN A 758 15.93 -10.28 22.28
CA GLN A 758 16.35 -10.84 23.57
C GLN A 758 16.57 -9.80 24.68
N GLN A 759 16.44 -8.52 24.37
CA GLN A 759 16.76 -7.47 25.32
C GLN A 759 15.58 -7.22 26.27
N PRO A 760 15.83 -6.53 27.39
CA PRO A 760 14.74 -6.08 28.25
C PRO A 760 13.85 -5.07 27.54
N MET A 761 12.58 -5.04 27.92
CA MET A 761 11.61 -4.11 27.38
C MET A 761 11.36 -2.93 28.31
N ALA A 762 10.62 -1.96 27.80
CA ALA A 762 10.27 -0.75 28.52
C ALA A 762 8.89 -0.30 28.08
N LEU A 763 8.27 0.57 28.88
CA LEU A 763 7.03 1.24 28.51
C LEU A 763 7.24 2.74 28.46
N ALA A 764 6.63 3.41 27.49
CA ALA A 764 6.50 4.88 27.53
C ALA A 764 5.02 5.20 27.72
N VAL A 765 4.72 5.84 28.85
CA VAL A 765 3.37 6.04 29.32
C VAL A 765 3.02 7.53 29.23
N ALA A 766 2.17 7.89 28.28
CA ALA A 766 1.81 9.31 28.07
C ALA A 766 0.47 9.63 28.72
N LEU A 767 0.52 10.26 29.88
CA LEU A 767 -0.69 10.51 30.65
C LEU A 767 -1.51 11.66 30.08
N THR A 768 -2.83 11.49 30.07
CA THR A 768 -3.73 12.62 29.89
C THR A 768 -3.59 13.52 31.11
N LYS A 769 -4.18 14.72 31.02
CA LYS A 769 -4.26 15.61 32.17
C LYS A 769 -4.95 14.91 33.36
N GLY A 770 -5.98 14.10 33.08
CA GLY A 770 -6.63 13.29 34.13
C GLY A 770 -5.89 12.02 34.58
N GLY A 771 -4.69 11.78 34.06
CA GLY A 771 -3.86 10.64 34.51
C GLY A 771 -4.17 9.29 33.89
N GLU A 772 -4.76 9.30 32.68
CA GLU A 772 -5.21 8.09 32.02
C GLU A 772 -4.29 7.78 30.86
N ALA A 773 -4.04 6.50 30.64
CA ALA A 773 -3.41 6.03 29.38
C ALA A 773 -3.71 4.53 29.12
N ARG A 774 -3.64 4.15 27.85
CA ARG A 774 -3.86 2.75 27.49
C ARG A 774 -2.92 2.37 26.33
N GLY A 775 -2.44 1.14 26.37
CA GLY A 775 -1.74 0.58 25.21
C GLY A 775 -1.75 -0.92 25.22
N GLU A 776 -1.02 -1.52 24.28
CA GLU A 776 -1.00 -2.96 24.16
C GLU A 776 0.30 -3.54 23.56
N LEU A 777 0.52 -4.81 23.83
CA LEU A 777 1.63 -5.56 23.20
C LEU A 777 1.13 -6.88 22.63
N PHE A 778 1.45 -7.15 21.37
CA PHE A 778 1.27 -8.47 20.76
C PHE A 778 2.66 -9.08 20.59
N TRP A 779 2.83 -10.34 21.00
CA TRP A 779 4.13 -11.04 20.90
C TRP A 779 3.94 -12.49 20.52
N ASP A 780 4.66 -12.93 19.49
CA ASP A 780 4.71 -14.34 19.10
C ASP A 780 6.17 -14.67 18.77
N ASP A 781 6.44 -15.80 18.12
CA ASP A 781 7.84 -16.18 17.81
C ASP A 781 8.44 -15.41 16.65
N GLY A 782 7.65 -14.56 15.99
CA GLY A 782 8.18 -13.66 14.95
C GLY A 782 8.23 -14.18 13.52
N GLU A 783 7.92 -15.47 13.30
CA GLU A 783 8.03 -16.03 11.94
C GLU A 783 7.17 -17.25 11.62
N SER A 784 6.54 -17.88 12.62
CA SER A 784 5.80 -19.12 12.35
C SER A 784 4.50 -18.86 11.61
N LEU A 785 4.04 -19.87 10.89
CA LEU A 785 2.73 -19.82 10.25
C LEU A 785 1.62 -20.17 11.23
N GLU A 786 0.43 -19.62 10.96
CA GLU A 786 -0.82 -19.97 11.65
C GLU A 786 -0.81 -19.69 13.15
N VAL A 787 -0.13 -18.63 13.52
CA VAL A 787 -0.02 -18.28 14.92
C VAL A 787 -1.38 -18.01 15.55
N LEU A 788 -2.21 -17.18 14.92
CA LEU A 788 -3.46 -16.75 15.55
C LEU A 788 -4.43 -17.93 15.66
N GLU A 789 -4.47 -18.70 14.58
CA GLU A 789 -5.29 -19.89 14.51
C GLU A 789 -4.87 -20.91 15.58
N ARG A 790 -3.58 -21.01 15.87
CA ARG A 790 -3.09 -21.96 16.89
C ARG A 790 -3.00 -21.33 18.27
N GLY A 791 -3.28 -20.02 18.37
CA GLY A 791 -3.23 -19.33 19.67
C GLY A 791 -1.81 -19.20 20.24
N ALA A 792 -0.79 -19.23 19.38
CA ALA A 792 0.61 -19.28 19.83
C ALA A 792 1.20 -17.86 19.93
N TYR A 793 0.56 -17.05 20.77
CA TYR A 793 0.96 -15.67 20.94
C TYR A 793 0.49 -15.14 22.29
N THR A 794 1.17 -14.10 22.76
CA THR A 794 0.82 -13.42 24.00
C THR A 794 0.32 -12.03 23.66
N GLN A 795 -0.68 -11.58 24.41
CA GLN A 795 -1.33 -10.31 24.16
C GLN A 795 -1.59 -9.67 25.51
N VAL A 796 -1.05 -8.49 25.72
CA VAL A 796 -1.12 -7.83 27.01
C VAL A 796 -1.61 -6.41 26.77
N ILE A 797 -2.44 -5.93 27.66
CA ILE A 797 -2.93 -4.54 27.64
C ILE A 797 -2.31 -3.81 28.81
N PHE A 798 -1.99 -2.53 28.64
CA PHE A 798 -1.41 -1.70 29.71
C PHE A 798 -2.36 -0.56 30.04
N LEU A 799 -2.52 -0.26 31.33
CA LEU A 799 -3.44 0.78 31.75
C LEU A 799 -2.85 1.65 32.84
N ALA A 800 -2.86 2.97 32.61
CA ALA A 800 -2.50 3.95 33.62
C ALA A 800 -3.78 4.63 34.10
N ARG A 801 -3.92 4.75 35.41
CA ARG A 801 -5.10 5.35 36.04
C ARG A 801 -4.77 5.66 37.48
N ASN A 802 -5.14 6.85 37.93
CA ASN A 802 -4.97 7.24 39.33
C ASN A 802 -3.57 6.92 39.91
N ASN A 803 -2.54 7.44 39.27
CA ASN A 803 -1.16 7.23 39.71
C ASN A 803 -0.76 5.74 39.84
N THR A 804 -1.30 4.90 38.97
CA THR A 804 -0.88 3.51 38.87
C THR A 804 -0.81 3.05 37.42
N ILE A 805 0.02 2.04 37.20
CA ILE A 805 0.18 1.39 35.90
C ILE A 805 0.10 -0.12 36.13
N VAL A 806 -0.79 -0.78 35.39
CA VAL A 806 -0.96 -2.22 35.48
C VAL A 806 -0.99 -2.84 34.10
N ASN A 807 -0.79 -4.15 34.05
CA ASN A 807 -1.01 -4.90 32.83
C ASN A 807 -2.27 -5.76 32.98
N GLU A 808 -2.85 -6.10 31.87
CA GLU A 808 -4.01 -6.97 31.80
C GLU A 808 -3.64 -8.10 30.82
N LEU A 809 -3.74 -9.33 31.30
CA LEU A 809 -3.21 -10.46 30.58
C LEU A 809 -4.32 -11.04 29.70
N VAL A 810 -4.36 -10.62 28.44
CA VAL A 810 -5.44 -11.07 27.54
C VAL A 810 -5.12 -12.52 27.14
N ARG A 811 -3.88 -12.76 26.78
CA ARG A 811 -3.47 -14.13 26.54
C ARG A 811 -2.01 -14.27 26.86
N VAL A 812 -1.67 -15.32 27.58
CA VAL A 812 -0.29 -15.57 27.94
C VAL A 812 0.05 -16.97 27.52
N THR A 813 1.07 -17.11 26.69
CA THR A 813 1.50 -18.40 26.20
C THR A 813 2.99 -18.49 26.41
N SER A 814 3.56 -19.63 26.04
CA SER A 814 5.02 -19.85 26.15
C SER A 814 5.83 -18.83 25.35
N GLU A 815 5.26 -18.38 24.23
CA GLU A 815 5.93 -17.39 23.36
C GLU A 815 6.17 -16.06 24.03
N GLY A 816 5.30 -15.67 24.96
CA GLY A 816 5.47 -14.42 25.74
C GLY A 816 6.19 -14.59 27.07
N ALA A 817 6.65 -15.79 27.37
CA ALA A 817 7.32 -16.06 28.64
C ALA A 817 8.68 -15.34 28.71
N GLY A 818 9.05 -14.86 29.88
CA GLY A 818 10.39 -14.29 30.09
C GLY A 818 10.63 -12.96 29.40
N LEU A 819 9.56 -12.26 29.04
CA LEU A 819 9.71 -10.90 28.51
C LEU A 819 9.92 -9.96 29.69
N GLN A 820 11.12 -9.41 29.79
CA GLN A 820 11.57 -8.67 30.97
C GLN A 820 11.28 -7.20 30.80
N LEU A 821 10.49 -6.64 31.71
CA LEU A 821 10.20 -5.21 31.72
C LEU A 821 11.12 -4.58 32.76
N GLN A 822 12.03 -3.72 32.33
CA GLN A 822 13.01 -3.16 33.26
C GLN A 822 12.90 -1.64 33.42
N LYS A 823 12.10 -1.00 32.61
CA LYS A 823 12.00 0.47 32.65
C LYS A 823 10.61 0.96 32.29
N VAL A 824 10.10 1.89 33.09
CA VAL A 824 8.80 2.49 32.86
C VAL A 824 8.95 4.01 32.89
N THR A 825 8.66 4.66 31.77
CA THR A 825 8.83 6.10 31.69
C THR A 825 7.46 6.75 31.57
N VAL A 826 7.17 7.68 32.48
CA VAL A 826 5.85 8.29 32.57
C VAL A 826 5.98 9.77 32.20
N LEU A 827 5.18 10.20 31.21
CA LEU A 827 5.17 11.58 30.76
C LEU A 827 3.94 12.30 31.30
N GLY A 828 4.13 13.56 31.72
CA GLY A 828 3.04 14.37 32.24
C GLY A 828 2.75 14.15 33.71
N VAL A 829 3.78 13.85 34.48
CA VAL A 829 3.67 13.75 35.94
C VAL A 829 3.95 15.13 36.50
N ALA A 830 2.92 15.74 37.06
CA ALA A 830 2.94 17.18 37.36
C ALA A 830 3.69 17.53 38.65
N THR A 831 3.75 16.62 39.61
CA THR A 831 4.45 16.89 40.86
C THR A 831 5.42 15.74 41.18
N ALA A 832 6.55 16.08 41.79
CA ALA A 832 7.60 15.09 42.08
C ALA A 832 7.02 14.06 43.06
N PRO A 833 7.25 12.77 42.82
CA PRO A 833 6.74 11.82 43.79
C PRO A 833 7.64 11.70 45.01
N GLN A 834 7.03 11.43 46.15
CA GLN A 834 7.76 11.12 47.36
C GLN A 834 8.13 9.64 47.41
N GLN A 835 7.29 8.80 46.82
CA GLN A 835 7.63 7.39 46.71
C GLN A 835 7.06 6.72 45.48
N VAL A 836 7.77 5.69 45.04
CA VAL A 836 7.39 4.90 43.87
C VAL A 836 7.51 3.45 44.29
N LEU A 837 6.45 2.69 44.03
CA LEU A 837 6.34 1.29 44.40
C LEU A 837 6.17 0.43 43.15
N SER A 838 6.80 -0.74 43.19
CA SER A 838 6.61 -1.78 42.19
C SER A 838 6.20 -3.05 42.94
N ASN A 839 5.02 -3.58 42.62
CA ASN A 839 4.40 -4.66 43.40
C ASN A 839 4.53 -4.50 44.93
N GLY A 840 4.30 -3.28 45.41
CA GLY A 840 4.24 -2.99 46.85
C GLY A 840 5.58 -2.67 47.50
N VAL A 841 6.68 -2.77 46.76
CA VAL A 841 8.03 -2.52 47.31
C VAL A 841 8.59 -1.26 46.67
N PRO A 842 9.14 -0.34 47.50
CA PRO A 842 9.79 0.87 46.96
C PRO A 842 10.81 0.50 45.91
N VAL A 843 10.84 1.20 44.77
CA VAL A 843 11.70 0.75 43.67
C VAL A 843 13.17 1.02 43.96
N SER A 844 14.03 0.22 43.31
CA SER A 844 15.49 0.35 43.45
C SER A 844 15.91 1.82 43.21
N ASN A 845 15.47 2.40 42.09
CA ASN A 845 15.66 3.81 41.83
C ASN A 845 14.76 4.37 40.72
N PHE A 846 14.53 5.67 40.80
CA PHE A 846 13.75 6.41 39.83
C PHE A 846 14.30 7.83 39.77
N THR A 847 14.02 8.53 38.67
CA THR A 847 14.34 9.93 38.56
C THR A 847 13.10 10.69 38.12
N TYR A 848 13.04 11.95 38.54
CA TYR A 848 11.98 12.86 38.16
C TYR A 848 12.63 14.18 37.77
N SER A 849 12.21 14.71 36.63
CA SER A 849 12.67 15.99 36.15
C SER A 849 11.53 17.00 36.24
N PRO A 850 11.62 17.96 37.19
CA PRO A 850 10.57 18.99 37.26
C PRO A 850 10.44 19.83 35.99
N ASP A 851 11.52 19.96 35.21
CA ASP A 851 11.46 20.74 33.97
C ASP A 851 10.72 20.02 32.86
N THR A 852 10.83 18.70 32.78
CA THR A 852 10.18 17.95 31.69
C THR A 852 8.90 17.21 32.10
N LYS A 853 8.62 17.18 33.41
CA LYS A 853 7.52 16.40 33.98
C LYS A 853 7.67 14.89 33.70
N VAL A 854 8.91 14.42 33.61
CA VAL A 854 9.15 13.02 33.28
C VAL A 854 9.60 12.23 34.51
N LEU A 855 8.93 11.11 34.74
CA LEU A 855 9.29 10.18 35.80
C LEU A 855 9.80 8.90 35.16
N ASP A 856 11.09 8.64 35.34
CA ASP A 856 11.75 7.45 34.80
C ASP A 856 11.96 6.46 35.94
N ILE A 857 11.43 5.24 35.78
CA ILE A 857 11.41 4.22 36.83
C ILE A 857 12.11 2.91 36.42
N VAL A 859 12.64 -0.95 37.04
CA VAL A 859 11.87 -2.06 37.61
C VAL A 859 12.43 -3.43 37.16
N SER A 860 11.96 -4.49 37.81
CA SER A 860 12.26 -5.85 37.41
CA SER A 860 12.26 -5.85 37.36
C SER A 860 10.97 -6.67 37.32
N LEU A 861 10.27 -6.55 36.20
CA LEU A 861 8.95 -7.15 36.03
C LEU A 861 8.91 -7.98 34.76
N LEU A 862 7.79 -8.66 34.53
CA LEU A 862 7.60 -9.52 33.38
C LEU A 862 6.29 -9.15 32.72
N MET A 863 6.34 -8.99 31.41
CA MET A 863 5.15 -8.60 30.64
C MET A 863 4.01 -9.57 30.87
N GLY A 864 4.35 -10.84 31.06
CA GLY A 864 3.34 -11.90 31.20
C GLY A 864 2.88 -12.21 32.61
N GLU A 865 3.30 -11.40 33.59
CA GLU A 865 2.86 -11.57 34.96
C GLU A 865 2.25 -10.30 35.49
N GLN A 866 1.10 -10.41 36.13
CA GLN A 866 0.38 -9.24 36.63
C GLN A 866 1.29 -8.39 37.52
N PHE A 867 1.39 -7.10 37.21
CA PHE A 867 2.14 -6.18 38.05
C PHE A 867 1.32 -4.92 38.35
N LEU A 868 1.74 -4.20 39.39
CA LEU A 868 1.19 -2.91 39.75
C LEU A 868 2.32 -1.97 40.17
N VAL A 869 2.50 -0.91 39.39
CA VAL A 869 3.43 0.19 39.70
C VAL A 869 2.62 1.43 40.09
N SER A 870 3.01 2.12 41.16
CA SER A 870 2.32 3.30 41.63
C SER A 870 3.29 4.35 42.14
N TRP A 871 2.82 5.58 42.22
CA TRP A 871 3.62 6.66 42.76
C TRP A 871 2.69 7.65 43.44
N CYS A 872 3.26 8.38 44.39
CA CYS A 872 2.55 9.45 45.09
C CYS A 872 3.59 10.48 45.53
#